data_8V66
#
_entry.id   8V66
#
_cell.length_a   229.156
_cell.length_b   229.156
_cell.length_c   67.505
_cell.angle_alpha   90.00
_cell.angle_beta   90.00
_cell.angle_gamma   120.00
#
_symmetry.space_group_name_H-M   'H 3'
#
loop_
_entity.id
_entity.type
_entity.pdbx_description
1 polymer Saxiphilin
2 non-polymer 'PENTAETHYLENE GLYCOL'
3 non-polymer '({[(3aS,4R,7S,10aS)-2,6-diamino-10,10-dihydroxy-3a,4,9,10-tetrahydro-1H,8H-pyrrolo[1,2-c]purin-4-yl]methoxy}carbonyl)sulfamic acid'
4 water water
#
_entity_poly.entity_id   1
_entity_poly.type   'polypeptide(L)'
_entity_poly.pdbx_seq_one_letter_code
;MALTFHTALYFTIVGLSFAASDARHVQWCTISHLEQKKCNDLVGSCNVPDITLACVYRSSTENCMAAIKDGQADAMFLDS
GDVYKASLDHYNLKPIIAEPYSLHRELTKCLKHRQESLGGDKMVKGRYIPQCDEKGNYHPVQCHASTGYCWCVNANGEKI
EGTNTTPVQTPPTCPSQVLTKCLKERQEALGGKRIAIGRYIPQCDEQGNYRPMQCHGSTGYCWCVNAIGEKIEGTNTPPG
NTQPTCQSHDWDTCHYAVAVVKNSSTFQFGQLKGKRSCHSGLSKTDGWNAPVNVFVEKKLLPWDGLAKGSIERAVSKFFS
ASCIPGATETNLCKQCIGEEEKKCKSSHDEPYYGDHGAFRCLQEDKGDVAFLKNTALPDEHSGVYELLCPDNTRKPLNKY
KECNLGKVPADAVVTRKAGDKTKDINDFLLEAQKKKCKLFGSPHGKDLMFDDSTTHLAPLPSEIDAFFFLGVKWYNAMKA
LTEDVKLPSKNKVRWCTINKPEMMKCKDWAAVSGGAIACTEASCPEHCVKQILKGEADAVTLDVQYMYMALMCGLLPAVE
EYPNKDDFHPCQIPGSTIKDFGTKRAVALVKKSNKDIKWNNLKGKKSCHTHVGDIPGWVIPAGLISNQNDNIDIESFFGE
SCAPGSDTNSKLCKLCIGDPENPKASTRCSLSDKEAYYGNEGAFRCLVEKGDVAFVPHTVVFANTDGKNPAEWAKDLKSE
DFEILCLDGSRAPVTNYRGCNLSGLPPRAIVTREESVSDVVRILINQQSLYGRNGFEKDMFQMFSSAKGQNLLFNDETQC
LIEFDRQPKDIMEDYFGVRYYTAVYSASRSAVPSELIPACTFKHCSNSLEVLFQ
;
_entity_poly.pdbx_strand_id   A
#
# COMPACT_ATOMS: atom_id res chain seq x y z
N ARG A 24 12.93 28.19 8.76
CA ARG A 24 11.84 27.39 8.24
C ARG A 24 10.52 27.77 8.90
N HIS A 25 9.47 27.82 8.10
CA HIS A 25 8.16 28.28 8.55
C HIS A 25 7.10 27.28 8.13
N VAL A 26 6.05 27.17 8.93
CA VAL A 26 4.86 26.44 8.52
C VAL A 26 3.68 27.35 8.75
N GLN A 27 2.93 27.64 7.69
CA GLN A 27 1.76 28.51 7.79
C GLN A 27 0.51 27.66 7.82
N TRP A 28 -0.15 27.63 8.96
CA TRP A 28 -1.36 26.82 9.13
C TRP A 28 -2.58 27.67 8.75
N CYS A 29 -3.46 27.11 7.93
CA CYS A 29 -4.70 27.79 7.60
C CYS A 29 -5.80 27.44 8.58
N THR A 30 -6.39 28.45 9.19
CA THR A 30 -7.50 28.26 10.12
C THR A 30 -8.77 28.76 9.48
N ILE A 31 -9.90 28.17 9.87
CA ILE A 31 -11.18 28.42 9.22
C ILE A 31 -12.10 29.25 10.09
N SER A 32 -11.67 29.67 11.27
CA SER A 32 -12.56 30.37 12.17
C SER A 32 -11.76 31.22 13.12
N HIS A 33 -12.47 32.14 13.76
CA HIS A 33 -11.89 32.98 14.82
C HIS A 33 -11.41 32.12 15.98
N LEU A 34 -12.22 31.13 16.37
CA LEU A 34 -11.84 30.25 17.47
C LEU A 34 -10.58 29.47 17.12
N GLU A 35 -10.53 28.89 15.93
CA GLU A 35 -9.37 28.08 15.54
C GLU A 35 -8.13 28.95 15.45
N GLN A 36 -8.27 30.15 14.89
CA GLN A 36 -7.12 31.05 14.82
C GLN A 36 -6.60 31.38 16.21
N LYS A 37 -7.51 31.59 17.18
CA LYS A 37 -7.08 31.78 18.57
C LYS A 37 -6.27 30.61 19.08
N LYS A 38 -6.76 29.38 18.88
CA LYS A 38 -6.01 28.21 19.32
C LYS A 38 -4.67 28.11 18.59
N CYS A 39 -4.68 28.31 17.26
CA CYS A 39 -3.41 28.25 16.53
C CYS A 39 -2.44 29.30 17.05
N ASN A 40 -2.95 30.50 17.33
CA ASN A 40 -2.12 31.56 17.89
C ASN A 40 -1.54 31.16 19.25
N ASP A 41 -2.33 30.48 20.09
CA ASP A 41 -1.79 30.02 21.37
C ASP A 41 -0.63 29.06 21.15
N LEU A 42 -0.73 28.17 20.17
CA LEU A 42 0.36 27.24 19.90
C LEU A 42 1.62 27.94 19.41
N VAL A 43 1.48 29.03 18.65
CA VAL A 43 2.65 29.80 18.26
C VAL A 43 3.44 30.20 19.50
N GLY A 44 2.74 30.63 20.54
CA GLY A 44 3.41 31.02 21.78
C GLY A 44 3.88 29.85 22.62
N SER A 45 3.05 28.82 22.77
CA SER A 45 3.33 27.78 23.76
C SER A 45 4.17 26.64 23.23
N CYS A 46 4.14 26.36 21.92
CA CYS A 46 4.86 25.22 21.36
C CYS A 46 6.16 25.72 20.75
N ASN A 47 7.27 25.33 21.33
CA ASN A 47 8.58 25.77 20.87
C ASN A 47 9.24 24.59 20.17
N VAL A 48 9.14 24.56 18.86
CA VAL A 48 9.87 23.61 18.03
C VAL A 48 11.07 24.35 17.46
N PRO A 49 12.29 24.04 17.90
CA PRO A 49 13.45 24.73 17.35
C PRO A 49 13.53 24.52 15.85
N ASP A 50 13.95 25.58 15.15
CA ASP A 50 14.29 25.52 13.73
C ASP A 50 13.04 25.73 12.88
N ILE A 51 11.85 25.35 13.37
CA ILE A 51 10.62 25.49 12.59
C ILE A 51 9.64 26.37 13.35
N THR A 52 9.21 27.45 12.71
CA THR A 52 8.28 28.40 13.32
C THR A 52 6.90 28.21 12.73
N LEU A 53 5.89 28.13 13.59
CA LEU A 53 4.50 28.02 13.17
C LEU A 53 3.90 29.41 13.03
N ALA A 54 3.05 29.60 12.02
CA ALA A 54 2.29 30.83 11.86
C ALA A 54 0.87 30.45 11.44
N CYS A 55 -0.07 31.34 11.73
CA CYS A 55 -1.48 31.08 11.55
C CYS A 55 -2.09 32.08 10.59
N VAL A 56 -2.80 31.57 9.59
CA VAL A 56 -3.42 32.38 8.55
C VAL A 56 -4.93 32.16 8.59
N TYR A 57 -5.70 33.20 8.85
CA TYR A 57 -7.15 33.07 8.95
C TYR A 57 -7.82 33.15 7.58
N ARG A 58 -8.81 32.28 7.38
CA ARG A 58 -9.78 32.41 6.30
C ARG A 58 -11.14 32.03 6.89
N SER A 59 -12.21 32.30 6.15
CA SER A 59 -13.55 32.29 6.72
C SER A 59 -14.25 30.92 6.59
N SER A 60 -13.66 29.96 5.89
CA SER A 60 -14.32 28.69 5.68
C SER A 60 -13.31 27.66 5.22
N THR A 61 -13.73 26.39 5.26
CA THR A 61 -12.87 25.31 4.79
C THR A 61 -12.43 25.54 3.35
N GLU A 62 -13.36 25.96 2.49
CA GLU A 62 -13.03 26.08 1.06
C GLU A 62 -12.09 27.25 0.80
N ASN A 63 -12.22 28.33 1.56
CA ASN A 63 -11.29 29.45 1.38
C ASN A 63 -9.88 29.07 1.83
N CYS A 64 -9.76 28.19 2.82
CA CYS A 64 -8.45 27.71 3.22
C CYS A 64 -7.86 26.79 2.17
N MET A 65 -8.67 25.88 1.62
CA MET A 65 -8.19 25.06 0.51
C MET A 65 -7.61 25.94 -0.62
N ALA A 66 -8.32 27.01 -0.98
CA ALA A 66 -7.81 27.90 -2.02
C ALA A 66 -6.54 28.62 -1.57
N ALA A 67 -6.45 28.98 -0.28
CA ALA A 67 -5.25 29.63 0.24
C ALA A 67 -4.04 28.72 0.14
N ILE A 68 -4.23 27.42 0.41
CA ILE A 68 -3.11 26.48 0.31
C ILE A 68 -2.70 26.30 -1.14
N LYS A 69 -3.68 26.13 -2.03
CA LYS A 69 -3.37 26.03 -3.45
C LYS A 69 -2.58 27.26 -3.93
N ASP A 70 -2.95 28.42 -3.43
CA ASP A 70 -2.35 29.68 -3.87
C ASP A 70 -1.03 30.01 -3.17
N GLY A 71 -0.64 29.23 -2.17
CA GLY A 71 0.57 29.52 -1.43
C GLY A 71 0.39 30.51 -0.30
N GLN A 72 -0.84 30.96 -0.03
CA GLN A 72 -1.07 31.82 1.12
C GLN A 72 -0.83 31.08 2.44
N ALA A 73 -0.96 29.76 2.43
CA ALA A 73 -0.74 28.93 3.60
C ALA A 73 -0.28 27.56 3.10
N ASP A 74 0.08 26.70 4.05
CA ASP A 74 0.75 25.44 3.72
C ASP A 74 -0.01 24.18 4.13
N ALA A 75 -0.84 24.25 5.17
CA ALA A 75 -1.42 23.02 5.70
C ALA A 75 -2.72 23.32 6.43
N MET A 76 -3.64 22.35 6.39
CA MET A 76 -4.78 22.34 7.29
C MET A 76 -5.20 20.89 7.47
N PHE A 77 -6.05 20.65 8.45
CA PHE A 77 -6.61 19.33 8.74
C PHE A 77 -7.99 19.26 8.11
N LEU A 78 -8.26 18.19 7.36
CA LEU A 78 -9.50 18.05 6.59
C LEU A 78 -10.22 16.75 6.90
N ASP A 79 -11.53 16.84 7.07
CA ASP A 79 -12.41 15.67 7.02
C ASP A 79 -12.20 14.92 5.72
N SER A 80 -12.37 13.59 5.77
CA SER A 80 -12.16 12.75 4.59
C SER A 80 -12.96 13.22 3.39
N GLY A 81 -14.17 13.76 3.60
CA GLY A 81 -14.95 14.22 2.46
C GLY A 81 -14.29 15.42 1.77
N ASP A 82 -13.69 16.31 2.56
CA ASP A 82 -12.95 17.45 2.04
C ASP A 82 -11.61 17.02 1.45
N VAL A 83 -11.00 15.98 2.01
CA VAL A 83 -9.81 15.40 1.38
C VAL A 83 -10.13 14.99 -0.04
N TYR A 84 -11.32 14.40 -0.26
CA TYR A 84 -11.69 14.03 -1.62
C TYR A 84 -11.90 15.28 -2.48
N LYS A 85 -12.67 16.24 -1.97
CA LYS A 85 -12.94 17.45 -2.75
C LYS A 85 -11.66 18.22 -3.03
N ALA A 86 -10.73 18.23 -2.06
CA ALA A 86 -9.48 18.97 -2.25
C ALA A 86 -8.55 18.31 -3.24
N SER A 87 -8.75 17.01 -3.52
CA SER A 87 -7.90 16.30 -4.45
C SER A 87 -8.26 16.58 -5.90
N LEU A 88 -9.40 17.21 -6.18
CA LEU A 88 -9.79 17.46 -7.55
C LEU A 88 -9.01 18.65 -8.12
N ASP A 89 -9.04 18.79 -9.45
CA ASP A 89 -8.18 19.73 -10.14
C ASP A 89 -8.35 21.16 -9.66
N HIS A 90 -9.51 21.51 -9.09
CA HIS A 90 -9.71 22.88 -8.60
C HIS A 90 -8.70 23.26 -7.53
N TYR A 91 -8.29 22.33 -6.68
CA TYR A 91 -7.42 22.68 -5.56
C TYR A 91 -6.10 21.94 -5.56
N ASN A 92 -6.09 20.69 -5.98
CA ASN A 92 -4.88 19.90 -6.18
C ASN A 92 -4.08 19.78 -4.88
N LEU A 93 -4.78 19.36 -3.81
CA LEU A 93 -4.16 19.09 -2.51
C LEU A 93 -4.12 17.59 -2.28
N LYS A 94 -3.25 17.14 -1.38
CA LYS A 94 -3.12 15.71 -1.10
C LYS A 94 -2.97 15.51 0.40
N PRO A 95 -3.43 14.37 0.93
CA PRO A 95 -3.21 14.07 2.35
C PRO A 95 -1.77 13.66 2.58
N ILE A 96 -1.18 14.15 3.68
CA ILE A 96 0.18 13.77 4.04
C ILE A 96 0.31 13.22 5.45
N ILE A 97 -0.60 13.52 6.38
CA ILE A 97 -0.46 13.13 7.79
C ILE A 97 -1.82 12.73 8.34
N ALA A 98 -1.86 11.65 9.14
CA ALA A 98 -3.13 11.21 9.70
C ALA A 98 -2.88 10.31 10.91
N GLU A 99 -3.93 10.08 11.69
CA GLU A 99 -3.84 9.15 12.83
C GLU A 99 -3.95 7.71 12.34
N PRO A 100 -2.95 6.86 12.64
CA PRO A 100 -3.05 5.43 12.25
C PRO A 100 -4.26 4.76 12.87
N TYR A 101 -4.86 3.83 12.12
CA TYR A 101 -5.95 3.02 12.63
C TYR A 101 -5.72 1.56 12.28
N SER A 102 -6.56 0.71 12.87
CA SER A 102 -6.48 -0.74 12.80
C SER A 102 -7.85 -1.29 12.42
N LEU A 103 -7.87 -2.38 11.65
CA LEU A 103 -9.14 -2.99 11.26
C LEU A 103 -9.46 -4.24 12.06
N HIS A 104 -8.46 -5.04 12.40
CA HIS A 104 -8.62 -6.27 13.15
C HIS A 104 -7.26 -6.63 13.73
N ARG A 105 -7.26 -7.59 14.65
CA ARG A 105 -5.99 -8.04 15.20
C ARG A 105 -5.19 -8.74 14.11
N GLU A 106 -3.89 -8.52 14.10
CA GLU A 106 -3.01 -9.12 13.13
C GLU A 106 -1.92 -9.88 13.86
N LEU A 107 -1.33 -10.86 13.17
CA LEU A 107 -0.13 -11.53 13.64
C LEU A 107 0.95 -10.50 13.95
N THR A 108 1.81 -10.80 14.92
CA THR A 108 2.93 -9.87 15.08
C THR A 108 3.87 -10.01 13.90
N LYS A 109 4.64 -8.95 13.66
CA LYS A 109 5.61 -8.92 12.56
C LYS A 109 6.59 -10.08 12.65
N CYS A 110 7.18 -10.33 13.82
CA CYS A 110 8.14 -11.43 13.94
C CYS A 110 7.51 -12.78 13.59
N LEU A 111 6.28 -13.03 14.07
CA LEU A 111 5.69 -14.34 13.81
C LEU A 111 5.28 -14.50 12.35
N LYS A 112 4.83 -13.42 11.71
CA LYS A 112 4.59 -13.47 10.27
C LYS A 112 5.87 -13.78 9.49
N HIS A 113 6.95 -13.09 9.85
CA HIS A 113 8.25 -13.29 9.23
C HIS A 113 8.74 -14.72 9.42
N ARG A 114 8.58 -15.27 10.63
CA ARG A 114 8.94 -16.66 10.85
C ARG A 114 8.16 -17.58 9.91
N GLN A 115 6.84 -17.36 9.84
CA GLN A 115 5.99 -18.20 9.00
C GLN A 115 6.38 -18.08 7.52
N GLU A 116 6.65 -16.86 7.05
CA GLU A 116 7.04 -16.68 5.66
C GLU A 116 8.36 -17.37 5.36
N SER A 117 9.36 -17.20 6.25
CA SER A 117 10.68 -17.77 5.93
C SER A 117 10.64 -19.28 6.02
N LEU A 118 9.89 -19.82 6.98
CA LEU A 118 9.75 -21.27 7.09
C LEU A 118 8.98 -21.83 5.90
N GLY A 119 8.17 -21.01 5.25
CA GLY A 119 7.48 -21.42 4.04
C GLY A 119 8.26 -21.26 2.76
N GLY A 120 9.49 -20.76 2.82
CA GLY A 120 10.32 -20.65 1.64
C GLY A 120 10.69 -22.03 1.09
N ASP A 121 11.55 -21.99 0.08
CA ASP A 121 11.98 -23.20 -0.62
C ASP A 121 13.09 -23.88 0.18
N LYS A 122 12.80 -25.10 0.67
CA LYS A 122 13.79 -25.80 1.50
C LYS A 122 15.09 -26.08 0.77
N MET A 123 15.08 -26.13 -0.56
CA MET A 123 16.31 -26.34 -1.31
C MET A 123 17.24 -25.13 -1.30
N VAL A 124 16.74 -23.95 -0.91
CA VAL A 124 17.59 -22.80 -0.64
C VAL A 124 17.99 -22.90 0.82
N LYS A 125 19.12 -23.57 1.08
CA LYS A 125 19.54 -23.87 2.45
C LYS A 125 20.17 -22.65 3.10
N GLY A 126 20.19 -22.67 4.44
CA GLY A 126 20.93 -21.69 5.19
C GLY A 126 20.35 -20.30 5.23
N ARG A 127 19.02 -20.17 5.23
CA ARG A 127 18.38 -18.87 5.24
C ARG A 127 18.08 -18.44 6.66
N TYR A 128 18.01 -17.13 6.86
CA TYR A 128 17.73 -16.56 8.17
C TYR A 128 16.27 -16.78 8.55
N ILE A 129 16.04 -17.35 9.72
CA ILE A 129 14.71 -17.52 10.31
C ILE A 129 14.69 -16.71 11.60
N PRO A 130 13.81 -15.71 11.73
CA PRO A 130 13.86 -14.81 12.90
C PRO A 130 13.56 -15.53 14.20
N GLN A 131 14.04 -14.94 15.28
CA GLN A 131 13.83 -15.45 16.63
C GLN A 131 12.87 -14.51 17.35
N CYS A 132 11.71 -15.04 17.73
CA CYS A 132 10.66 -14.29 18.41
C CYS A 132 10.58 -14.67 19.89
N ASP A 133 10.14 -13.72 20.70
CA ASP A 133 10.06 -13.90 22.16
C ASP A 133 8.65 -14.35 22.55
N GLU A 134 8.44 -14.49 23.87
CA GLU A 134 7.18 -15.02 24.40
C GLU A 134 5.97 -14.14 24.12
N LYS A 135 6.17 -12.88 23.74
CA LYS A 135 5.10 -12.00 23.28
C LYS A 135 4.98 -11.97 21.77
N GLY A 136 5.86 -12.67 21.06
CA GLY A 136 5.80 -12.70 19.61
C GLY A 136 6.55 -11.57 18.95
N ASN A 137 7.34 -10.83 19.69
CA ASN A 137 8.16 -9.79 19.08
C ASN A 137 9.57 -10.29 18.82
N TYR A 138 10.32 -9.51 18.03
CA TYR A 138 11.70 -9.84 17.75
C TYR A 138 12.54 -9.71 19.01
N HIS A 139 13.33 -10.73 19.31
CA HIS A 139 14.45 -10.52 20.22
C HIS A 139 15.34 -9.41 19.65
N PRO A 140 15.79 -8.47 20.48
CA PRO A 140 16.63 -7.39 19.95
C PRO A 140 17.90 -7.89 19.30
N VAL A 141 18.41 -9.04 19.74
CA VAL A 141 19.53 -9.70 19.09
C VAL A 141 18.96 -10.72 18.13
N GLN A 142 19.29 -10.60 16.85
CA GLN A 142 18.92 -11.61 15.85
C GLN A 142 20.18 -12.29 15.36
N CYS A 143 20.10 -13.58 15.06
CA CYS A 143 21.27 -14.33 14.62
C CYS A 143 20.92 -15.18 13.41
N HIS A 144 21.94 -15.45 12.61
CA HIS A 144 21.82 -16.25 11.40
C HIS A 144 22.53 -17.57 11.68
N ALA A 145 21.76 -18.65 11.81
CA ALA A 145 22.30 -19.90 12.32
C ALA A 145 23.46 -20.40 11.45
N SER A 146 23.25 -20.49 10.15
CA SER A 146 24.25 -21.09 9.27
C SER A 146 25.53 -20.25 9.16
N THR A 147 25.50 -18.97 9.52
CA THR A 147 26.72 -18.15 9.43
C THR A 147 27.28 -17.73 10.77
N GLY A 148 26.56 -17.94 11.87
CA GLY A 148 27.01 -17.46 13.16
C GLY A 148 27.03 -15.95 13.33
N TYR A 149 26.53 -15.19 12.35
CA TYR A 149 26.46 -13.75 12.49
C TYR A 149 25.24 -13.36 13.32
N CYS A 150 25.41 -12.32 14.16
CA CYS A 150 24.34 -11.74 14.93
C CYS A 150 24.34 -10.22 14.73
N TRP A 151 23.21 -9.58 15.02
CA TRP A 151 23.08 -8.14 14.85
C TRP A 151 21.89 -7.66 15.69
N CYS A 152 21.76 -6.35 15.82
CA CYS A 152 20.64 -5.74 16.54
C CYS A 152 19.55 -5.36 15.55
N VAL A 153 18.29 -5.40 16.00
CA VAL A 153 17.14 -5.04 15.17
C VAL A 153 16.28 -4.03 15.91
N ASN A 154 15.53 -3.23 15.15
CA ASN A 154 14.49 -2.38 15.73
C ASN A 154 13.21 -3.20 15.91
N ALA A 155 12.11 -2.56 16.30
CA ALA A 155 10.87 -3.29 16.57
C ALA A 155 10.32 -3.97 15.32
N ASN A 156 10.59 -3.43 14.14
CA ASN A 156 10.17 -4.07 12.90
C ASN A 156 11.11 -5.17 12.44
N GLY A 157 12.11 -5.54 13.26
CA GLY A 157 13.02 -6.58 12.87
C GLY A 157 13.98 -6.20 11.79
N GLU A 158 14.14 -4.91 11.52
CA GLU A 158 15.08 -4.43 10.52
C GLU A 158 16.44 -4.24 11.18
N LYS A 159 17.49 -4.76 10.53
CA LYS A 159 18.84 -4.66 11.06
C LYS A 159 19.23 -3.21 11.32
N ILE A 160 19.79 -2.97 12.50
CA ILE A 160 20.48 -1.71 12.78
C ILE A 160 21.85 -1.82 12.13
N GLU A 161 22.04 -1.11 11.02
CA GLU A 161 23.24 -1.36 10.24
C GLU A 161 24.48 -0.94 11.01
N GLY A 162 25.53 -1.73 10.88
CA GLY A 162 26.74 -1.50 11.64
C GLY A 162 26.81 -2.18 13.00
N THR A 163 25.91 -3.13 13.29
CA THR A 163 25.98 -3.87 14.55
C THR A 163 26.28 -5.34 14.33
N ASN A 164 26.57 -5.76 13.09
CA ASN A 164 26.91 -7.15 12.83
C ASN A 164 28.14 -7.56 13.64
N THR A 165 28.07 -8.74 14.26
CA THR A 165 29.19 -9.34 14.97
C THR A 165 29.42 -10.75 14.43
N THR A 166 30.68 -11.11 14.24
CA THR A 166 31.04 -12.39 13.64
C THR A 166 30.90 -13.51 14.67
N PRO A 167 30.83 -14.77 14.23
CA PRO A 167 30.73 -15.89 15.20
C PRO A 167 31.91 -15.96 16.15
N VAL A 168 33.08 -15.44 15.75
CA VAL A 168 34.27 -15.47 16.60
C VAL A 168 34.13 -14.62 17.84
N GLN A 169 33.10 -13.77 17.93
CA GLN A 169 32.91 -12.89 19.07
C GLN A 169 31.55 -13.13 19.71
N THR A 170 31.42 -12.62 20.93
CA THR A 170 30.18 -12.70 21.68
C THR A 170 29.07 -11.97 20.92
N PRO A 171 27.79 -12.35 21.07
CA PRO A 171 26.72 -11.61 20.40
C PRO A 171 26.66 -10.19 20.91
N PRO A 172 26.20 -9.25 20.09
CA PRO A 172 26.21 -7.84 20.49
C PRO A 172 25.23 -7.59 21.62
N THR A 173 25.43 -6.47 22.29
CA THR A 173 24.51 -5.97 23.29
C THR A 173 23.59 -4.95 22.61
N CYS A 174 22.30 -5.24 22.61
CA CYS A 174 21.35 -4.45 21.86
C CYS A 174 20.35 -3.80 22.81
N PRO A 175 19.95 -2.56 22.53
CA PRO A 175 18.96 -1.91 23.39
C PRO A 175 17.68 -2.71 23.45
N SER A 176 17.03 -2.68 24.61
CA SER A 176 15.76 -3.36 24.78
C SER A 176 14.72 -2.77 23.85
N GLN A 177 13.67 -3.56 23.59
CA GLN A 177 12.64 -3.11 22.67
C GLN A 177 11.84 -1.97 23.29
N VAL A 178 11.36 -1.07 22.42
CA VAL A 178 10.49 0.00 22.85
C VAL A 178 9.23 -0.60 23.48
N LEU A 179 8.81 -0.04 24.61
CA LEU A 179 7.63 -0.54 25.31
C LEU A 179 6.37 -0.36 24.46
N THR A 180 5.33 -1.13 24.81
CA THR A 180 4.02 -0.96 24.21
C THR A 180 3.46 0.42 24.57
N LYS A 181 2.40 0.81 23.85
CA LYS A 181 1.76 2.10 24.15
C LYS A 181 1.33 2.16 25.61
N CYS A 182 0.74 1.08 26.12
CA CYS A 182 0.23 1.09 27.49
C CYS A 182 1.37 1.20 28.51
N LEU A 183 2.40 0.37 28.36
CA LEU A 183 3.52 0.39 29.29
C LEU A 183 4.29 1.69 29.21
N LYS A 184 4.39 2.27 28.01
CA LYS A 184 5.05 3.56 27.86
C LYS A 184 4.21 4.69 28.46
N GLU A 185 2.88 4.64 28.25
CA GLU A 185 2.03 5.64 28.86
C GLU A 185 2.01 5.49 30.38
N ARG A 186 2.10 4.25 30.87
CA ARG A 186 2.24 4.02 32.31
C ARG A 186 3.51 4.67 32.84
N GLN A 187 4.65 4.34 32.23
CA GLN A 187 5.93 4.86 32.70
C GLN A 187 5.95 6.39 32.70
N GLU A 188 5.43 7.01 31.64
CA GLU A 188 5.37 8.47 31.60
C GLU A 188 4.42 9.02 32.65
N ALA A 189 3.22 8.43 32.76
CA ALA A 189 2.28 8.88 33.78
C ALA A 189 2.91 8.83 35.17
N LEU A 190 3.70 7.79 35.45
CA LEU A 190 4.44 7.69 36.69
C LEU A 190 5.59 8.70 36.79
N GLY A 191 5.86 9.47 35.74
CA GLY A 191 6.86 10.53 35.75
C GLY A 191 8.13 10.24 36.52
N GLY A 192 8.51 8.97 36.62
CA GLY A 192 9.70 8.56 37.33
C GLY A 192 9.65 8.68 38.84
N LYS A 193 8.45 8.65 39.45
CA LYS A 193 8.30 9.03 40.86
C LYS A 193 7.67 7.96 41.76
N ARG A 194 7.25 6.81 41.22
CA ARG A 194 6.70 5.56 41.81
C ARG A 194 5.18 5.51 41.99
N ILE A 195 4.50 6.60 42.33
CA ILE A 195 3.05 6.67 42.18
C ILE A 195 2.66 8.06 41.71
N ALA A 196 1.92 8.11 40.60
CA ALA A 196 1.34 9.38 40.14
C ALA A 196 0.06 9.61 40.93
N ILE A 197 0.18 10.41 41.99
CA ILE A 197 -0.91 10.58 42.93
C ILE A 197 -1.98 11.45 42.29
N GLY A 198 -3.23 11.00 42.35
CA GLY A 198 -4.34 11.81 41.88
C GLY A 198 -4.52 11.87 40.37
N ARG A 199 -3.68 11.18 39.61
CA ARG A 199 -3.82 11.17 38.16
C ARG A 199 -4.09 9.76 37.65
N TYR A 200 -4.71 9.71 36.48
CA TYR A 200 -5.01 8.43 35.86
C TYR A 200 -3.71 7.71 35.47
N ILE A 201 -3.61 6.44 35.83
CA ILE A 201 -2.50 5.57 35.43
C ILE A 201 -3.09 4.39 34.66
N PRO A 202 -2.76 4.22 33.39
CA PRO A 202 -3.36 3.13 32.62
C PRO A 202 -3.03 1.78 33.23
N GLN A 203 -3.96 0.84 33.06
CA GLN A 203 -3.82 -0.52 33.55
C GLN A 203 -3.65 -1.45 32.34
N CYS A 204 -2.56 -2.22 32.33
CA CYS A 204 -2.17 -3.01 31.17
C CYS A 204 -2.29 -4.50 31.45
N ASP A 205 -2.46 -5.29 30.37
CA ASP A 205 -2.55 -6.75 30.49
C ASP A 205 -1.18 -7.39 30.28
N GLU A 206 -1.15 -8.72 30.22
CA GLU A 206 0.14 -9.40 30.22
C GLU A 206 0.89 -9.25 28.90
N GLN A 207 0.18 -9.05 27.80
CA GLN A 207 0.83 -8.73 26.54
C GLN A 207 1.19 -7.26 26.42
N GLY A 208 0.96 -6.47 27.48
CA GLY A 208 1.26 -5.05 27.40
C GLY A 208 0.25 -4.24 26.62
N ASN A 209 -0.91 -4.80 26.32
CA ASN A 209 -2.01 -4.02 25.77
C ASN A 209 -2.91 -3.52 26.90
N TYR A 210 -3.84 -2.63 26.54
CA TYR A 210 -4.72 -2.04 27.54
C TYR A 210 -5.76 -3.05 28.00
N ARG A 211 -5.93 -3.17 29.32
CA ARG A 211 -7.08 -3.91 29.83
C ARG A 211 -8.36 -3.25 29.33
N PRO A 212 -9.38 -4.04 29.01
CA PRO A 212 -10.62 -3.46 28.48
C PRO A 212 -11.27 -2.46 29.41
N MET A 213 -11.31 -2.71 30.71
CA MET A 213 -11.87 -1.75 31.65
C MET A 213 -10.74 -0.96 32.27
N GLN A 214 -10.86 0.37 32.25
CA GLN A 214 -9.90 1.28 32.86
C GLN A 214 -10.62 2.06 33.96
N CYS A 215 -9.92 2.34 35.05
CA CYS A 215 -10.51 3.11 36.14
C CYS A 215 -9.55 4.22 36.56
N HIS A 216 -10.13 5.35 36.97
CA HIS A 216 -9.33 6.46 37.50
C HIS A 216 -9.10 6.21 38.99
N GLY A 217 -7.84 6.11 39.39
CA GLY A 217 -7.50 5.75 40.76
C GLY A 217 -7.87 6.76 41.83
N SER A 218 -8.39 7.93 41.48
CA SER A 218 -8.76 8.95 42.47
C SER A 218 -10.23 9.34 42.43
N THR A 219 -10.81 9.45 41.23
CA THR A 219 -12.21 9.83 41.10
C THR A 219 -13.16 8.65 41.22
N GLY A 220 -12.68 7.43 41.05
CA GLY A 220 -13.52 6.25 41.07
C GLY A 220 -14.28 5.97 39.78
N TYR A 221 -14.16 6.83 38.77
CA TYR A 221 -14.79 6.60 37.47
C TYR A 221 -14.13 5.42 36.77
N CYS A 222 -14.93 4.70 35.98
CA CYS A 222 -14.44 3.60 35.16
C CYS A 222 -15.05 3.71 33.76
N TRP A 223 -14.35 3.20 32.77
CA TRP A 223 -14.82 3.26 31.39
C TRP A 223 -14.15 2.14 30.62
N CYS A 224 -14.57 1.95 29.37
CA CYS A 224 -13.97 0.92 28.51
C CYS A 224 -13.05 1.56 27.48
N VAL A 225 -11.99 0.82 27.11
CA VAL A 225 -11.09 1.21 26.02
C VAL A 225 -10.90 0.02 25.08
N ASN A 226 -10.52 0.32 23.85
CA ASN A 226 -10.16 -0.78 22.95
C ASN A 226 -8.70 -1.15 23.20
N ALA A 227 -8.16 -2.07 22.38
CA ALA A 227 -6.86 -2.68 22.67
C ALA A 227 -5.72 -1.68 22.58
N ILE A 228 -5.88 -0.58 21.85
CA ILE A 228 -4.84 0.43 21.77
C ILE A 228 -5.17 1.63 22.67
N GLY A 229 -6.12 1.47 23.58
CA GLY A 229 -6.34 2.47 24.60
C GLY A 229 -7.27 3.60 24.24
N GLU A 230 -8.00 3.49 23.13
CA GLU A 230 -8.95 4.54 22.80
C GLU A 230 -10.24 4.30 23.57
N LYS A 231 -10.82 5.38 24.09
CA LYS A 231 -12.00 5.26 24.95
C LYS A 231 -13.20 4.87 24.11
N ILE A 232 -14.05 4.01 24.66
CA ILE A 232 -15.30 3.65 23.99
C ILE A 232 -16.34 4.67 24.45
N GLU A 233 -16.95 5.39 23.52
CA GLU A 233 -17.93 6.36 24.02
C GLU A 233 -19.15 5.67 24.62
N GLY A 234 -19.83 6.38 25.51
CA GLY A 234 -20.98 5.83 26.17
C GLY A 234 -20.69 4.83 27.28
N THR A 235 -19.44 4.78 27.78
CA THR A 235 -19.12 3.82 28.83
C THR A 235 -18.60 4.47 30.11
N ASN A 236 -18.45 5.80 30.16
CA ASN A 236 -17.85 6.41 31.33
C ASN A 236 -18.85 6.32 32.48
N THR A 237 -18.41 5.82 33.64
CA THR A 237 -19.32 5.41 34.70
C THR A 237 -18.86 6.01 36.02
N PRO A 238 -19.66 6.85 36.67
CA PRO A 238 -19.25 7.37 38.00
C PRO A 238 -19.25 6.27 39.04
N PRO A 239 -18.48 6.44 40.11
CA PRO A 239 -18.42 5.41 41.14
C PRO A 239 -19.79 5.17 41.75
N GLY A 240 -20.06 3.93 42.12
CA GLY A 240 -21.34 3.55 42.64
C GLY A 240 -22.35 3.11 41.61
N ASN A 241 -22.03 3.18 40.32
CA ASN A 241 -22.91 2.69 39.27
C ASN A 241 -22.30 1.46 38.60
N THR A 242 -23.16 0.64 38.01
CA THR A 242 -22.69 -0.53 37.29
C THR A 242 -22.21 -0.12 35.89
N GLN A 243 -21.06 -0.64 35.51
CA GLN A 243 -20.45 -0.27 34.23
C GLN A 243 -21.03 -1.13 33.11
N PRO A 244 -21.09 -0.59 31.88
CA PRO A 244 -21.36 -1.46 30.72
C PRO A 244 -20.26 -2.49 30.60
N THR A 245 -20.58 -3.60 29.94
CA THR A 245 -19.57 -4.60 29.66
C THR A 245 -18.56 -4.06 28.66
N CYS A 246 -17.27 -4.31 28.92
CA CYS A 246 -16.20 -3.90 28.02
C CYS A 246 -15.76 -5.08 27.18
N GLN A 247 -15.78 -4.90 25.86
CA GLN A 247 -15.37 -5.94 24.91
C GLN A 247 -13.86 -6.14 24.99
N SER A 248 -13.41 -7.39 24.97
CA SER A 248 -11.97 -7.63 24.94
C SER A 248 -11.50 -7.79 23.49
N HIS A 249 -10.19 -7.60 23.30
CA HIS A 249 -9.52 -7.79 22.02
C HIS A 249 -10.19 -6.98 20.91
N ASP A 250 -10.49 -5.73 21.20
CA ASP A 250 -11.13 -4.84 20.23
C ASP A 250 -10.03 -4.12 19.48
N TRP A 251 -9.77 -4.55 18.24
CA TRP A 251 -8.78 -3.93 17.38
C TRP A 251 -9.42 -3.22 16.18
N ASP A 252 -10.73 -3.01 16.21
CA ASP A 252 -11.44 -2.28 15.16
C ASP A 252 -11.46 -0.81 15.58
N THR A 253 -10.50 -0.03 15.09
CA THR A 253 -10.43 1.37 15.54
C THR A 253 -10.86 2.35 14.45
N CYS A 254 -11.54 1.88 13.41
CA CYS A 254 -12.12 2.81 12.44
C CYS A 254 -13.22 3.63 13.12
N HIS A 255 -13.42 4.86 12.64
CA HIS A 255 -14.52 5.67 13.11
C HIS A 255 -15.80 5.29 12.37
N TYR A 256 -16.94 5.45 13.05
CA TYR A 256 -18.24 5.06 12.53
C TYR A 256 -19.15 6.29 12.45
N ALA A 257 -19.79 6.49 11.30
CA ALA A 257 -20.89 7.45 11.20
C ALA A 257 -22.09 6.95 11.97
N VAL A 258 -22.74 7.84 12.73
CA VAL A 258 -23.89 7.47 13.54
C VAL A 258 -24.94 8.56 13.45
N ALA A 259 -26.18 8.17 13.75
CA ALA A 259 -27.29 9.11 13.90
C ALA A 259 -27.67 9.11 15.38
N VAL A 260 -27.60 10.27 16.02
CA VAL A 260 -27.87 10.37 17.46
C VAL A 260 -29.19 11.09 17.65
N VAL A 261 -29.99 10.60 18.61
CA VAL A 261 -31.32 11.12 18.91
C VAL A 261 -31.50 11.13 20.42
N LYS A 262 -32.51 11.86 20.89
CA LYS A 262 -32.86 11.86 22.31
C LYS A 262 -33.86 10.74 22.60
N ASN A 263 -33.78 10.18 23.82
CA ASN A 263 -34.67 9.08 24.16
C ASN A 263 -36.12 9.53 24.38
N SER A 264 -36.37 10.84 24.34
CA SER A 264 -37.72 11.37 24.52
C SER A 264 -38.52 11.37 23.23
N SER A 265 -37.88 11.22 22.07
CA SER A 265 -38.57 11.03 20.80
C SER A 265 -38.79 9.54 20.55
N THR A 266 -39.62 9.21 19.56
CA THR A 266 -39.95 7.81 19.33
C THR A 266 -39.85 7.36 17.88
N PHE A 267 -39.52 8.24 16.95
CA PHE A 267 -39.45 7.82 15.55
C PHE A 267 -38.25 6.91 15.32
N GLN A 268 -38.31 6.14 14.25
CA GLN A 268 -37.22 5.29 13.80
C GLN A 268 -36.60 5.86 12.54
N PHE A 269 -35.51 5.21 12.09
CA PHE A 269 -34.74 5.73 10.97
C PHE A 269 -35.61 5.87 9.71
N GLY A 270 -36.47 4.89 9.45
CA GLY A 270 -37.30 4.91 8.26
C GLY A 270 -38.40 5.95 8.26
N GLN A 271 -38.61 6.63 9.39
CA GLN A 271 -39.59 7.70 9.49
C GLN A 271 -38.92 9.08 9.53
N LEU A 272 -37.72 9.20 8.96
CA LEU A 272 -37.00 10.47 9.05
C LEU A 272 -37.59 11.56 8.16
N LYS A 273 -38.41 11.19 7.17
CA LYS A 273 -38.97 12.19 6.28
C LYS A 273 -39.73 13.24 7.07
N GLY A 274 -39.39 14.51 6.83
CA GLY A 274 -40.09 15.61 7.47
C GLY A 274 -39.58 16.01 8.83
N LYS A 275 -38.53 15.36 9.34
CA LYS A 275 -37.98 15.76 10.62
C LYS A 275 -36.98 16.90 10.43
N ARG A 276 -36.56 17.48 11.56
CA ARG A 276 -35.47 18.45 11.59
C ARG A 276 -34.16 17.73 11.90
N SER A 277 -33.06 18.18 11.28
CA SER A 277 -31.82 17.43 11.41
C SER A 277 -30.62 18.37 11.54
N CYS A 278 -29.60 17.86 12.24
CA CYS A 278 -28.34 18.57 12.44
C CYS A 278 -27.23 17.73 11.84
N HIS A 279 -26.48 18.31 10.92
CA HIS A 279 -25.42 17.61 10.21
C HIS A 279 -24.10 18.31 10.50
N SER A 280 -23.02 17.53 10.63
CA SER A 280 -21.72 18.15 10.87
C SER A 280 -21.33 19.08 9.74
N GLY A 281 -21.73 18.76 8.51
CA GLY A 281 -21.47 19.68 7.42
C GLY A 281 -21.77 19.09 6.07
N LEU A 282 -22.03 19.96 5.09
CA LEU A 282 -22.38 19.49 3.74
C LEU A 282 -21.26 18.67 3.14
N SER A 283 -20.02 19.00 3.43
CA SER A 283 -18.91 18.31 2.77
C SER A 283 -18.35 17.15 3.59
N LYS A 284 -18.86 16.92 4.81
CA LYS A 284 -18.31 15.92 5.74
C LYS A 284 -18.83 14.52 5.43
N THR A 285 -17.95 13.53 5.57
CA THR A 285 -18.38 12.19 5.24
C THR A 285 -19.39 11.69 6.26
N ASP A 286 -19.17 11.98 7.55
CA ASP A 286 -20.11 11.51 8.57
C ASP A 286 -21.40 12.35 8.59
N GLY A 287 -21.34 13.61 8.18
CA GLY A 287 -22.54 14.43 8.19
C GLY A 287 -23.32 14.44 6.90
N TRP A 288 -22.76 13.91 5.81
CA TRP A 288 -23.43 14.02 4.52
C TRP A 288 -23.35 12.72 3.73
N ASN A 289 -22.15 12.32 3.32
CA ASN A 289 -22.02 11.15 2.46
C ASN A 289 -22.62 9.91 3.12
N ALA A 290 -22.24 9.63 4.37
CA ALA A 290 -22.75 8.42 5.02
C ALA A 290 -24.27 8.42 5.14
N PRO A 291 -24.92 9.43 5.73
CA PRO A 291 -26.39 9.38 5.80
C PRO A 291 -27.06 9.38 4.43
N VAL A 292 -26.62 10.25 3.53
CA VAL A 292 -27.26 10.29 2.21
C VAL A 292 -27.12 8.95 1.50
N ASN A 293 -25.94 8.33 1.62
CA ASN A 293 -25.72 7.01 1.06
C ASN A 293 -26.79 6.03 1.54
N VAL A 294 -27.11 6.06 2.83
CA VAL A 294 -28.11 5.15 3.39
C VAL A 294 -29.52 5.56 2.96
N PHE A 295 -29.83 6.86 3.00
CA PHE A 295 -31.12 7.33 2.50
C PHE A 295 -31.41 6.80 1.09
N VAL A 296 -30.38 6.80 0.23
CA VAL A 296 -30.56 6.40 -1.16
C VAL A 296 -30.75 4.89 -1.26
N GLU A 297 -29.97 4.12 -0.49
CA GLU A 297 -30.06 2.66 -0.55
C GLU A 297 -31.39 2.17 -0.02
N LYS A 298 -31.95 2.85 0.97
CA LYS A 298 -33.25 2.49 1.53
C LYS A 298 -34.40 3.13 0.78
N LYS A 299 -34.12 3.92 -0.25
CA LYS A 299 -35.14 4.58 -1.06
C LYS A 299 -36.05 5.48 -0.21
N LEU A 300 -35.50 6.02 0.88
CA LEU A 300 -36.21 7.08 1.59
C LEU A 300 -36.19 8.36 0.79
N LEU A 301 -35.20 8.49 -0.08
CA LEU A 301 -34.98 9.66 -0.90
C LEU A 301 -35.37 9.32 -2.32
N PRO A 302 -36.37 9.98 -2.90
CA PRO A 302 -36.66 9.76 -4.32
C PRO A 302 -35.57 10.33 -5.22
N TRP A 303 -34.41 9.67 -5.25
CA TRP A 303 -33.28 10.15 -6.03
C TRP A 303 -32.35 8.98 -6.31
N ASP A 304 -31.81 8.93 -7.52
CA ASP A 304 -30.90 7.84 -7.88
C ASP A 304 -29.73 8.35 -8.73
N GLY A 305 -29.99 9.30 -9.63
CA GLY A 305 -28.95 9.85 -10.48
C GLY A 305 -29.08 11.36 -10.60
N LEU A 306 -28.09 11.95 -11.26
CA LEU A 306 -28.07 13.40 -11.46
C LEU A 306 -29.15 13.89 -12.40
N ALA A 307 -30.01 12.99 -12.91
CA ALA A 307 -31.17 13.41 -13.69
C ALA A 307 -32.35 13.79 -12.81
N LYS A 308 -32.38 13.31 -11.55
CA LYS A 308 -33.40 13.69 -10.59
C LYS A 308 -33.01 14.92 -9.77
N GLY A 309 -32.22 15.82 -10.35
CA GLY A 309 -31.73 16.99 -9.64
C GLY A 309 -30.45 16.71 -8.90
N SER A 310 -30.04 17.70 -8.11
CA SER A 310 -28.88 17.49 -7.25
C SER A 310 -29.30 16.76 -5.97
N ILE A 311 -28.32 16.10 -5.36
CA ILE A 311 -28.61 15.38 -4.12
C ILE A 311 -29.02 16.36 -3.02
N GLU A 312 -28.38 17.53 -2.98
CA GLU A 312 -28.75 18.52 -1.96
C GLU A 312 -30.21 18.94 -2.08
N ARG A 313 -30.70 19.10 -3.32
CA ARG A 313 -32.10 19.49 -3.50
C ARG A 313 -33.05 18.38 -3.04
N ALA A 314 -32.72 17.12 -3.33
CA ALA A 314 -33.57 16.02 -2.88
C ALA A 314 -33.62 15.95 -1.36
N VAL A 315 -32.47 16.16 -0.71
CA VAL A 315 -32.42 16.21 0.75
C VAL A 315 -33.20 17.42 1.25
N SER A 316 -33.19 18.52 0.49
CA SER A 316 -33.97 19.68 0.87
C SER A 316 -35.46 19.35 0.93
N LYS A 317 -35.93 18.49 0.03
CA LYS A 317 -37.32 18.05 0.05
C LYS A 317 -37.60 17.00 1.12
N PHE A 318 -36.56 16.30 1.60
CA PHE A 318 -36.75 15.22 2.56
C PHE A 318 -36.99 15.76 3.97
N PHE A 319 -36.08 16.59 4.47
CA PHE A 319 -36.19 17.18 5.81
C PHE A 319 -37.03 18.45 5.76
N SER A 320 -37.70 18.73 6.88
CA SER A 320 -38.45 19.99 6.97
C SER A 320 -37.50 21.18 7.11
N ALA A 321 -36.58 21.11 8.07
CA ALA A 321 -35.59 22.16 8.28
C ALA A 321 -34.37 21.55 8.95
N SER A 322 -33.18 21.95 8.49
CA SER A 322 -31.95 21.38 9.00
C SER A 322 -30.91 22.47 9.20
N CYS A 323 -29.81 22.10 9.85
CA CYS A 323 -28.57 22.88 9.83
C CYS A 323 -27.50 22.01 9.18
N ILE A 324 -27.05 22.39 7.99
CA ILE A 324 -26.04 21.63 7.26
C ILE A 324 -24.99 22.60 6.75
N PRO A 325 -23.99 22.96 7.56
CA PRO A 325 -23.06 24.02 7.19
C PRO A 325 -22.44 23.81 5.81
N GLY A 326 -22.41 24.89 5.02
CA GLY A 326 -21.98 24.82 3.65
C GLY A 326 -23.09 24.66 2.64
N ALA A 327 -24.31 24.35 3.08
CA ALA A 327 -25.41 24.17 2.14
C ALA A 327 -25.87 25.51 1.58
N THR A 328 -26.60 25.44 0.47
CA THR A 328 -27.19 26.63 -0.14
C THR A 328 -28.71 26.66 -0.07
N GLU A 329 -29.37 25.51 -0.14
CA GLU A 329 -30.83 25.47 0.04
C GLU A 329 -31.23 26.08 1.37
N THR A 330 -32.30 26.87 1.34
CA THR A 330 -32.64 27.72 2.48
C THR A 330 -33.05 26.89 3.69
N ASN A 331 -33.91 25.89 3.49
CA ASN A 331 -34.37 25.13 4.66
C ASN A 331 -33.24 24.31 5.27
N LEU A 332 -32.21 23.98 4.50
CA LEU A 332 -31.05 23.24 5.01
C LEU A 332 -30.09 24.11 5.79
N CYS A 333 -30.31 25.43 5.83
CA CYS A 333 -29.56 26.33 6.70
C CYS A 333 -30.43 26.94 7.77
N LYS A 334 -31.72 26.59 7.82
CA LYS A 334 -32.66 27.28 8.68
C LYS A 334 -32.36 27.08 10.16
N GLN A 335 -31.83 25.92 10.55
CA GLN A 335 -31.62 25.65 11.97
C GLN A 335 -30.27 26.14 12.48
N CYS A 336 -29.36 26.56 11.59
CA CYS A 336 -28.08 27.06 12.05
C CYS A 336 -28.28 28.37 12.82
N ILE A 337 -27.30 28.75 13.64
CA ILE A 337 -27.45 29.93 14.49
C ILE A 337 -26.25 30.87 14.42
N GLY A 338 -25.43 30.74 13.37
CA GLY A 338 -24.34 31.67 13.20
C GLY A 338 -24.84 33.07 12.94
N GLU A 339 -24.11 34.06 13.48
CA GLU A 339 -24.54 35.45 13.41
C GLU A 339 -24.19 36.04 12.05
N GLU A 340 -25.22 36.56 11.36
CA GLU A 340 -25.06 37.33 10.11
C GLU A 340 -24.39 36.42 9.08
N GLU A 341 -23.30 36.85 8.42
CA GLU A 341 -22.71 36.08 7.33
C GLU A 341 -22.08 34.77 7.81
N LYS A 342 -21.84 34.63 9.11
CA LYS A 342 -21.28 33.41 9.68
C LYS A 342 -22.28 32.25 9.66
N LYS A 343 -23.57 32.54 9.54
CA LYS A 343 -24.60 31.51 9.54
C LYS A 343 -24.38 30.48 8.45
N CYS A 344 -24.40 29.20 8.82
CA CYS A 344 -24.31 28.08 7.90
C CYS A 344 -22.97 28.02 7.18
N LYS A 345 -21.96 28.68 7.71
CA LYS A 345 -20.61 28.61 7.16
C LYS A 345 -19.89 27.34 7.63
N SER A 346 -19.05 26.79 6.76
CA SER A 346 -18.22 25.64 7.13
C SER A 346 -17.06 26.15 7.99
N SER A 347 -17.41 26.53 9.21
CA SER A 347 -16.50 27.24 10.10
C SER A 347 -17.03 27.17 11.53
N HIS A 348 -16.12 27.08 12.49
CA HIS A 348 -16.53 27.08 13.89
C HIS A 348 -17.23 28.38 14.30
N ASP A 349 -17.16 29.43 13.48
CA ASP A 349 -17.93 30.62 13.75
C ASP A 349 -19.43 30.37 13.60
N GLU A 350 -19.81 29.25 12.96
CA GLU A 350 -21.17 28.76 13.03
C GLU A 350 -21.24 27.79 14.22
N PRO A 351 -21.94 28.10 15.30
CA PRO A 351 -21.86 27.24 16.50
C PRO A 351 -22.33 25.80 16.27
N TYR A 352 -23.09 25.52 15.21
CA TYR A 352 -23.57 24.17 14.94
C TYR A 352 -22.72 23.45 13.90
N TYR A 353 -21.55 23.99 13.54
CA TYR A 353 -20.66 23.36 12.58
C TYR A 353 -19.90 22.22 13.25
N GLY A 354 -19.62 21.17 12.46
CA GLY A 354 -18.79 20.07 12.90
C GLY A 354 -19.55 19.09 13.78
N ASP A 355 -18.86 17.99 14.13
CA ASP A 355 -19.49 16.95 14.93
C ASP A 355 -20.06 17.48 16.23
N HIS A 356 -19.28 18.27 16.95
N HIS A 356 -19.25 18.21 16.99
CA HIS A 356 -19.75 18.77 18.24
CA HIS A 356 -19.76 18.79 18.23
C HIS A 356 -20.75 19.91 18.09
C HIS A 356 -20.93 19.72 17.94
N GLY A 357 -20.80 20.57 16.93
CA GLY A 357 -21.84 21.53 16.65
C GLY A 357 -23.17 20.86 16.31
N ALA A 358 -23.11 19.77 15.52
CA ALA A 358 -24.32 19.02 15.25
C ALA A 358 -24.89 18.40 16.53
N PHE A 359 -24.04 17.89 17.42
CA PHE A 359 -24.55 17.36 18.68
C PHE A 359 -25.14 18.48 19.53
N ARG A 360 -24.50 19.66 19.52
CA ARG A 360 -25.05 20.81 20.23
C ARG A 360 -26.42 21.19 19.67
N CYS A 361 -26.59 21.11 18.35
CA CYS A 361 -27.86 21.44 17.72
C CYS A 361 -28.98 20.51 18.18
N LEU A 362 -28.67 19.22 18.33
CA LEU A 362 -29.65 18.30 18.91
C LEU A 362 -29.90 18.61 20.38
N GLN A 363 -28.84 18.86 21.13
CA GLN A 363 -28.96 19.10 22.55
C GLN A 363 -29.86 20.30 22.84
N GLU A 364 -29.78 21.33 22.00
CA GLU A 364 -30.58 22.55 22.15
C GLU A 364 -31.90 22.48 21.41
N ASP A 365 -32.24 21.32 20.85
CA ASP A 365 -33.54 20.99 20.26
C ASP A 365 -33.84 21.75 18.97
N LYS A 366 -32.81 22.23 18.28
CA LYS A 366 -32.99 22.71 16.92
C LYS A 366 -33.09 21.57 15.91
N GLY A 367 -32.82 20.34 16.33
CA GLY A 367 -33.01 19.20 15.46
C GLY A 367 -33.55 18.02 16.23
N ASP A 368 -34.10 17.05 15.50
CA ASP A 368 -34.56 15.79 16.08
C ASP A 368 -33.51 14.68 15.99
N VAL A 369 -32.53 14.82 15.10
CA VAL A 369 -31.49 13.82 14.89
C VAL A 369 -30.22 14.57 14.51
N ALA A 370 -29.07 14.07 14.95
CA ALA A 370 -27.79 14.64 14.53
C ALA A 370 -26.94 13.56 13.86
N PHE A 371 -26.28 13.96 12.77
CA PHE A 371 -25.44 13.06 11.99
C PHE A 371 -23.98 13.45 12.21
N LEU A 372 -23.22 12.55 12.84
CA LEU A 372 -21.84 12.79 13.24
C LEU A 372 -21.17 11.41 13.34
N LYS A 373 -20.07 11.31 14.08
CA LYS A 373 -19.38 10.03 14.20
C LYS A 373 -19.17 9.68 15.67
N ASN A 374 -18.81 8.42 15.92
CA ASN A 374 -18.81 7.90 17.28
C ASN A 374 -17.89 8.70 18.20
N THR A 375 -16.79 9.25 17.66
CA THR A 375 -15.84 9.94 18.53
C THR A 375 -16.37 11.25 19.07
N ALA A 376 -17.52 11.72 18.60
CA ALA A 376 -18.14 12.91 19.15
C ALA A 376 -19.32 12.61 20.06
N LEU A 377 -19.62 11.33 20.30
CA LEU A 377 -20.68 10.94 21.22
C LEU A 377 -20.27 11.25 22.67
N PRO A 378 -21.24 11.48 23.56
CA PRO A 378 -20.91 11.65 24.99
C PRO A 378 -20.16 10.45 25.55
N ASP A 379 -19.22 10.73 26.46
CA ASP A 379 -18.50 9.63 27.11
C ASP A 379 -19.36 8.91 28.14
N GLU A 380 -20.29 9.61 28.79
CA GLU A 380 -21.05 9.03 29.89
C GLU A 380 -22.08 8.03 29.40
N HIS A 381 -22.23 6.94 30.17
N HIS A 381 -22.30 6.99 30.22
CA HIS A 381 -23.19 5.91 29.81
CA HIS A 381 -23.14 5.85 29.88
C HIS A 381 -24.61 6.43 29.94
C HIS A 381 -24.62 6.07 30.19
N SER A 382 -24.92 7.01 31.08
CA SER A 382 -26.28 7.40 31.41
C SER A 382 -26.57 8.75 30.79
N GLY A 383 -27.80 8.97 30.40
CA GLY A 383 -28.19 10.25 29.85
C GLY A 383 -29.32 10.05 28.87
N VAL A 384 -29.63 11.15 28.17
CA VAL A 384 -30.85 11.20 27.39
C VAL A 384 -30.63 10.87 25.91
N TYR A 385 -29.44 10.39 25.55
CA TYR A 385 -29.11 10.17 24.15
C TYR A 385 -28.97 8.69 23.82
N GLU A 386 -29.30 8.34 22.58
CA GLU A 386 -29.14 6.97 22.09
C GLU A 386 -28.93 7.04 20.59
N LEU A 387 -28.76 5.89 19.96
CA LEU A 387 -28.45 5.85 18.55
C LEU A 387 -29.66 5.40 17.76
N LEU A 388 -29.80 5.96 16.56
CA LEU A 388 -30.88 5.61 15.64
C LEU A 388 -30.29 4.68 14.59
N CYS A 389 -30.68 3.39 14.64
CA CYS A 389 -30.07 2.44 13.72
C CYS A 389 -30.85 2.37 12.41
N PRO A 390 -30.16 2.15 11.29
CA PRO A 390 -30.84 2.08 10.00
C PRO A 390 -31.77 0.90 9.84
N ASP A 391 -31.72 -0.11 10.74
CA ASP A 391 -32.66 -1.21 10.71
C ASP A 391 -33.92 -0.91 11.52
N ASN A 392 -34.18 0.37 11.80
CA ASN A 392 -35.39 0.85 12.44
C ASN A 392 -35.49 0.42 13.90
N THR A 393 -34.35 0.28 14.55
CA THR A 393 -34.29 0.14 16.00
C THR A 393 -33.43 1.27 16.59
N ARG A 394 -33.47 1.39 17.91
CA ARG A 394 -32.62 2.30 18.64
C ARG A 394 -31.76 1.51 19.64
N LYS A 395 -30.52 1.96 19.85
CA LYS A 395 -29.55 1.25 20.67
C LYS A 395 -28.73 2.24 21.48
N PRO A 396 -28.10 1.77 22.56
CA PRO A 396 -27.32 2.68 23.41
C PRO A 396 -26.08 3.20 22.69
N LEU A 397 -25.57 4.32 23.24
CA LEU A 397 -24.41 5.01 22.68
C LEU A 397 -23.23 4.09 22.46
N ASN A 398 -22.98 3.17 23.38
CA ASN A 398 -21.79 2.33 23.26
C ASN A 398 -21.96 1.19 22.27
N LYS A 399 -23.09 1.08 21.59
CA LYS A 399 -23.29 0.03 20.58
C LYS A 399 -23.18 0.56 19.15
N TYR A 400 -22.39 1.61 18.93
CA TYR A 400 -22.27 2.18 17.59
C TYR A 400 -21.73 1.17 16.58
N LYS A 401 -20.86 0.24 17.02
CA LYS A 401 -20.36 -0.76 16.06
C LYS A 401 -21.47 -1.63 15.48
N GLU A 402 -22.61 -1.73 16.14
CA GLU A 402 -23.75 -2.47 15.60
C GLU A 402 -24.94 -1.57 15.28
N CYS A 403 -24.76 -0.24 15.27
CA CYS A 403 -25.85 0.71 15.07
C CYS A 403 -25.25 1.94 14.41
N ASN A 404 -24.97 1.85 13.12
CA ASN A 404 -24.20 2.91 12.49
C ASN A 404 -24.59 3.04 11.02
N LEU A 405 -24.12 4.12 10.41
CA LEU A 405 -24.30 4.40 8.98
C LEU A 405 -23.04 4.12 8.18
N GLY A 406 -22.13 3.31 8.71
CA GLY A 406 -20.94 2.91 8.00
C GLY A 406 -19.67 3.35 8.71
N LYS A 407 -18.58 2.60 8.51
CA LYS A 407 -17.26 3.13 8.80
C LYS A 407 -16.96 4.28 7.83
N VAL A 408 -16.24 5.28 8.32
CA VAL A 408 -15.84 6.38 7.45
C VAL A 408 -14.31 6.41 7.42
N PRO A 409 -13.72 6.98 6.37
CA PRO A 409 -12.26 7.05 6.28
C PRO A 409 -11.66 7.93 7.37
N ALA A 410 -10.36 7.79 7.54
CA ALA A 410 -9.63 8.70 8.40
C ALA A 410 -9.63 10.12 7.82
N ASP A 411 -9.41 11.10 8.68
CA ASP A 411 -9.22 12.48 8.27
C ASP A 411 -7.72 12.79 8.22
N ALA A 412 -7.34 13.90 7.57
CA ALA A 412 -5.92 14.04 7.29
C ALA A 412 -5.48 15.50 7.19
N VAL A 413 -4.22 15.74 7.54
CA VAL A 413 -3.57 17.01 7.19
C VAL A 413 -3.24 16.98 5.71
N VAL A 414 -3.50 18.08 5.01
CA VAL A 414 -3.27 18.13 3.57
C VAL A 414 -2.32 19.28 3.25
N THR A 415 -1.70 19.21 2.08
CA THR A 415 -0.90 20.32 1.55
C THR A 415 -0.92 20.21 0.04
N ARG A 416 -0.21 21.12 -0.64
CA ARG A 416 -0.16 21.08 -2.10
C ARG A 416 0.40 19.76 -2.62
N LYS A 417 -0.15 19.30 -3.75
CA LYS A 417 0.35 18.08 -4.38
C LYS A 417 1.85 18.13 -4.60
N ALA A 418 2.38 19.32 -4.90
CA ALA A 418 3.81 19.46 -5.17
C ALA A 418 4.65 19.07 -3.97
N GLY A 419 4.10 19.17 -2.76
CA GLY A 419 4.82 18.71 -1.58
C GLY A 419 6.01 19.54 -1.18
N ASP A 420 6.03 20.82 -1.56
CA ASP A 420 7.17 21.67 -1.21
C ASP A 420 7.32 21.86 0.29
N LYS A 421 6.23 21.75 1.06
CA LYS A 421 6.30 21.94 2.50
C LYS A 421 6.09 20.67 3.29
N THR A 422 5.97 19.51 2.64
CA THR A 422 5.64 18.29 3.36
C THR A 422 6.64 17.99 4.48
N LYS A 423 7.93 18.14 4.20
CA LYS A 423 8.95 17.85 5.23
C LYS A 423 8.84 18.80 6.40
N ASP A 424 8.70 20.10 6.13
CA ASP A 424 8.57 21.06 7.23
C ASP A 424 7.31 20.78 8.04
N ILE A 425 6.21 20.42 7.39
CA ILE A 425 4.98 20.15 8.12
C ILE A 425 5.16 18.91 9.00
N ASN A 426 5.68 17.83 8.40
CA ASN A 426 5.89 16.59 9.19
C ASN A 426 6.85 16.83 10.34
N ASP A 427 7.98 17.48 10.07
CA ASP A 427 8.95 17.73 11.13
C ASP A 427 8.33 18.51 12.27
N PHE A 428 7.58 19.57 11.95
CA PHE A 428 6.98 20.36 13.01
C PHE A 428 6.04 19.51 13.86
N LEU A 429 5.16 18.73 13.24
CA LEU A 429 4.17 18.00 14.02
C LEU A 429 4.79 16.84 14.78
N LEU A 430 5.85 16.22 14.25
CA LEU A 430 6.52 15.17 15.01
C LEU A 430 7.18 15.75 16.26
N GLU A 431 7.89 16.87 16.12
CA GLU A 431 8.54 17.50 17.27
C GLU A 431 7.53 18.02 18.27
N ALA A 432 6.47 18.65 17.78
CA ALA A 432 5.44 19.16 18.69
C ALA A 432 4.84 18.04 19.52
N GLN A 433 4.65 16.85 18.91
CA GLN A 433 4.07 15.73 19.65
C GLN A 433 5.08 15.15 20.63
N LYS A 434 6.35 15.04 20.24
CA LYS A 434 7.40 14.64 21.17
C LYS A 434 7.40 15.53 22.41
N LYS A 435 7.25 16.83 22.21
CA LYS A 435 7.26 17.82 23.28
C LYS A 435 5.92 17.91 24.01
N LYS A 436 4.90 17.18 23.55
CA LYS A 436 3.59 17.16 24.19
C LYS A 436 2.91 18.52 24.15
N CYS A 437 3.06 19.25 23.04
CA CYS A 437 2.35 20.52 22.90
C CYS A 437 0.85 20.26 22.88
N LYS A 438 0.07 21.29 23.21
CA LYS A 438 -1.39 21.17 23.32
C LYS A 438 -2.06 21.24 21.94
N LEU A 439 -1.74 20.26 21.11
CA LEU A 439 -2.30 20.21 19.77
C LEU A 439 -3.79 19.82 19.78
N PHE A 440 -4.19 18.93 20.70
CA PHE A 440 -5.45 18.21 20.55
C PHE A 440 -6.53 18.58 21.56
N GLY A 441 -6.48 19.79 22.10
CA GLY A 441 -7.58 20.32 22.90
C GLY A 441 -7.41 21.81 23.01
N SER A 442 -8.43 22.48 23.54
CA SER A 442 -8.31 23.92 23.73
C SER A 442 -9.40 24.42 24.67
N PRO A 443 -9.10 25.43 25.50
CA PRO A 443 -10.17 26.14 26.22
C PRO A 443 -11.13 26.86 25.30
N HIS A 444 -10.74 27.17 24.07
CA HIS A 444 -11.59 27.97 23.21
C HIS A 444 -12.71 27.16 22.57
N GLY A 445 -12.60 25.85 22.55
CA GLY A 445 -13.64 25.03 21.97
C GLY A 445 -13.10 23.68 21.52
N LYS A 446 -14.02 22.87 21.02
CA LYS A 446 -13.70 21.51 20.62
C LYS A 446 -13.39 21.39 19.13
N ASP A 447 -12.47 20.47 18.83
CA ASP A 447 -12.10 20.11 17.47
C ASP A 447 -11.55 21.31 16.71
N LEU A 448 -10.82 22.17 17.42
CA LEU A 448 -10.13 23.29 16.79
C LEU A 448 -8.77 22.83 16.27
N MET A 449 -8.50 23.12 14.99
CA MET A 449 -7.28 22.72 14.29
C MET A 449 -7.24 21.23 13.97
N PHE A 450 -7.42 20.40 14.99
CA PHE A 450 -7.50 18.95 14.89
C PHE A 450 -8.69 18.45 15.67
N ASP A 451 -9.10 17.22 15.35
CA ASP A 451 -10.12 16.54 16.14
C ASP A 451 -9.64 16.35 17.58
N ASP A 452 -10.50 16.69 18.55
CA ASP A 452 -10.10 16.54 19.95
C ASP A 452 -9.80 15.08 20.30
N SER A 453 -10.39 14.14 19.56
CA SER A 453 -10.17 12.72 19.79
C SER A 453 -8.80 12.24 19.30
N THR A 454 -8.12 13.01 18.44
CA THR A 454 -6.82 12.60 17.92
C THR A 454 -5.80 12.39 19.05
N THR A 455 -5.05 11.30 18.99
CA THR A 455 -3.95 11.10 19.94
C THR A 455 -2.58 11.17 19.31
N HIS A 456 -2.42 10.77 18.06
CA HIS A 456 -1.12 10.84 17.41
C HIS A 456 -1.34 11.05 15.92
N LEU A 457 -0.49 11.87 15.31
CA LEU A 457 -0.49 12.06 13.86
C LEU A 457 0.82 11.54 13.29
N ALA A 458 0.73 10.66 12.31
CA ALA A 458 1.88 10.03 11.70
C ALA A 458 1.93 10.36 10.22
N PRO A 459 3.14 10.44 9.64
CA PRO A 459 3.26 10.65 8.20
C PRO A 459 2.64 9.49 7.41
N LEU A 460 1.97 9.82 6.32
CA LEU A 460 1.41 8.82 5.41
C LEU A 460 2.47 8.37 4.42
N PRO A 461 2.23 7.27 3.69
CA PRO A 461 3.17 6.87 2.64
C PRO A 461 3.42 7.99 1.64
N SER A 462 4.65 8.05 1.14
CA SER A 462 5.08 9.21 0.35
C SER A 462 4.31 9.32 -0.96
N GLU A 463 3.85 8.21 -1.51
CA GLU A 463 3.12 8.20 -2.77
C GLU A 463 1.62 8.12 -2.58
N ILE A 464 1.13 8.31 -1.36
CA ILE A 464 -0.30 8.29 -1.14
C ILE A 464 -0.97 9.48 -1.81
N ASP A 465 -2.19 9.26 -2.29
CA ASP A 465 -3.07 10.35 -2.73
C ASP A 465 -4.45 10.04 -2.16
N ALA A 466 -5.45 10.83 -2.54
CA ALA A 466 -6.77 10.65 -1.98
C ALA A 466 -7.35 9.28 -2.33
N PHE A 467 -7.06 8.78 -3.54
CA PHE A 467 -7.59 7.47 -3.91
C PHE A 467 -7.10 6.37 -2.98
N PHE A 468 -5.78 6.29 -2.77
CA PHE A 468 -5.22 5.24 -1.92
C PHE A 468 -5.45 5.52 -0.44
N PHE A 469 -5.61 6.79 -0.05
CA PHE A 469 -5.91 7.12 1.34
C PHE A 469 -7.35 6.74 1.70
N LEU A 470 -8.31 7.15 0.88
CA LEU A 470 -9.72 6.87 1.15
C LEU A 470 -10.07 5.43 0.80
N GLY A 471 -9.41 4.87 -0.19
CA GLY A 471 -9.76 3.55 -0.69
C GLY A 471 -10.78 3.63 -1.81
N VAL A 472 -10.73 2.63 -2.69
CA VAL A 472 -11.52 2.66 -3.92
C VAL A 472 -13.01 2.71 -3.61
N LYS A 473 -13.45 2.02 -2.55
CA LYS A 473 -14.87 1.99 -2.23
C LYS A 473 -15.38 3.37 -1.80
N TRP A 474 -14.70 4.01 -0.85
CA TRP A 474 -15.19 5.32 -0.43
C TRP A 474 -14.93 6.39 -1.49
N TYR A 475 -13.81 6.28 -2.20
CA TYR A 475 -13.54 7.23 -3.28
C TYR A 475 -14.68 7.23 -4.29
N ASN A 476 -15.07 6.04 -4.76
CA ASN A 476 -16.14 5.95 -5.74
C ASN A 476 -17.48 6.37 -5.15
N ALA A 477 -17.71 6.06 -3.87
CA ALA A 477 -18.96 6.44 -3.23
C ALA A 477 -19.10 7.95 -3.16
N MET A 478 -18.00 8.66 -2.89
CA MET A 478 -18.07 10.11 -2.85
C MET A 478 -18.21 10.68 -4.26
N LYS A 479 -17.50 10.11 -5.23
CA LYS A 479 -17.66 10.56 -6.61
C LYS A 479 -19.10 10.37 -7.08
N ALA A 480 -19.74 9.28 -6.64
CA ALA A 480 -21.08 8.94 -7.12
C ALA A 480 -22.13 9.98 -6.74
N LEU A 481 -21.90 10.73 -5.65
CA LEU A 481 -22.83 11.81 -5.30
C LEU A 481 -22.70 13.05 -6.16
N THR A 482 -21.64 13.16 -6.96
CA THR A 482 -21.39 14.36 -7.73
C THR A 482 -21.59 14.19 -9.23
N GLU A 483 -21.51 12.96 -9.74
CA GLU A 483 -21.64 12.72 -11.17
C GLU A 483 -22.08 11.30 -11.40
N ASP A 484 -22.77 11.08 -12.53
CA ASP A 484 -23.21 9.75 -12.93
C ASP A 484 -22.01 9.02 -13.51
N VAL A 485 -21.48 8.05 -12.77
CA VAL A 485 -20.24 7.38 -13.15
C VAL A 485 -20.61 6.23 -14.10
N LYS A 486 -20.40 6.45 -15.39
CA LYS A 486 -20.68 5.44 -16.40
C LYS A 486 -19.64 4.33 -16.27
N LEU A 487 -20.06 3.13 -15.87
CA LEU A 487 -19.12 2.04 -15.65
C LEU A 487 -18.73 1.39 -16.98
N PRO A 488 -17.43 1.32 -17.30
CA PRO A 488 -17.02 0.74 -18.59
C PRO A 488 -17.47 -0.71 -18.73
N SER A 489 -17.69 -1.10 -19.99
CA SER A 489 -18.28 -2.39 -20.30
C SER A 489 -17.35 -3.53 -19.92
N LYS A 490 -17.94 -4.65 -19.48
CA LYS A 490 -17.19 -5.87 -19.26
C LYS A 490 -16.88 -6.64 -20.54
N ASN A 491 -17.40 -6.18 -21.69
CA ASN A 491 -17.09 -6.79 -22.98
C ASN A 491 -15.93 -6.10 -23.69
N LYS A 492 -15.26 -5.17 -23.02
CA LYS A 492 -14.20 -4.38 -23.61
C LYS A 492 -13.00 -4.38 -22.68
N VAL A 493 -11.80 -4.60 -23.22
CA VAL A 493 -10.57 -4.50 -22.45
C VAL A 493 -9.88 -3.20 -22.86
N ARG A 494 -9.71 -2.29 -21.91
CA ARG A 494 -8.91 -1.10 -22.13
C ARG A 494 -7.45 -1.45 -21.87
N TRP A 495 -6.64 -1.51 -22.92
CA TRP A 495 -5.24 -1.91 -22.81
C TRP A 495 -4.36 -0.69 -22.54
N CYS A 496 -3.45 -0.81 -21.57
CA CYS A 496 -2.58 0.29 -21.19
C CYS A 496 -1.25 0.16 -21.93
N THR A 497 -0.87 1.22 -22.62
CA THR A 497 0.33 1.26 -23.43
C THR A 497 1.35 2.19 -22.79
N ILE A 498 2.63 1.87 -22.96
CA ILE A 498 3.68 2.64 -22.29
C ILE A 498 4.52 3.48 -23.25
N ASN A 499 4.26 3.44 -24.56
CA ASN A 499 4.95 4.35 -25.46
C ASN A 499 4.09 4.57 -26.69
N LYS A 500 4.53 5.48 -27.53
CA LYS A 500 3.74 5.89 -28.69
C LYS A 500 3.59 4.75 -29.70
N PRO A 501 4.62 3.97 -30.03
CA PRO A 501 4.39 2.84 -30.96
C PRO A 501 3.42 1.81 -30.41
N GLU A 502 3.45 1.57 -29.11
CA GLU A 502 2.50 0.63 -28.52
C GLU A 502 1.09 1.16 -28.67
N MET A 503 0.91 2.46 -28.45
CA MET A 503 -0.43 3.03 -28.59
C MET A 503 -0.91 2.91 -30.04
N MET A 504 -0.01 3.05 -30.99
CA MET A 504 -0.44 2.95 -32.39
C MET A 504 -0.78 1.52 -32.76
N LYS A 505 0.00 0.53 -32.30
CA LYS A 505 -0.39 -0.86 -32.51
C LYS A 505 -1.73 -1.16 -31.86
N CYS A 506 -1.97 -0.57 -30.68
CA CYS A 506 -3.23 -0.82 -29.99
C CYS A 506 -4.40 -0.15 -30.70
N LYS A 507 -4.19 1.00 -31.33
CA LYS A 507 -5.27 1.58 -32.13
C LYS A 507 -5.60 0.72 -33.35
N ASP A 508 -4.59 0.09 -33.95
CA ASP A 508 -4.85 -0.85 -35.03
C ASP A 508 -5.61 -2.08 -34.55
N TRP A 509 -5.27 -2.59 -33.36
CA TRP A 509 -6.04 -3.68 -32.78
C TRP A 509 -7.48 -3.26 -32.54
N ALA A 510 -7.68 -2.08 -31.96
CA ALA A 510 -9.04 -1.61 -31.70
C ALA A 510 -9.85 -1.53 -32.99
N ALA A 511 -9.21 -1.11 -34.09
CA ALA A 511 -9.91 -0.96 -35.37
C ALA A 511 -10.48 -2.28 -35.87
N VAL A 512 -9.75 -3.40 -35.67
CA VAL A 512 -10.27 -4.69 -36.13
C VAL A 512 -11.09 -5.42 -35.08
N SER A 513 -11.01 -5.00 -33.82
CA SER A 513 -11.53 -5.81 -32.72
C SER A 513 -13.05 -5.77 -32.62
N GLY A 514 -13.72 -4.86 -33.32
CA GLY A 514 -15.15 -4.72 -33.16
C GLY A 514 -15.57 -4.23 -31.79
N GLY A 515 -14.76 -3.36 -31.17
CA GLY A 515 -15.07 -2.79 -29.87
C GLY A 515 -14.55 -3.57 -28.68
N ALA A 516 -14.01 -4.78 -28.89
CA ALA A 516 -13.51 -5.56 -27.78
C ALA A 516 -12.25 -4.95 -27.17
N ILE A 517 -11.50 -4.16 -27.94
CA ILE A 517 -10.22 -3.62 -27.48
C ILE A 517 -10.27 -2.09 -27.56
N ALA A 518 -9.80 -1.44 -26.50
CA ALA A 518 -9.56 0.00 -26.49
C ALA A 518 -8.18 0.26 -25.89
N CYS A 519 -7.73 1.52 -25.93
CA CYS A 519 -6.35 1.84 -25.58
C CYS A 519 -6.30 2.97 -24.59
N THR A 520 -5.32 2.92 -23.67
CA THR A 520 -4.99 4.07 -22.85
C THR A 520 -3.47 4.27 -22.90
N GLU A 521 -3.01 5.43 -22.44
CA GLU A 521 -1.59 5.72 -22.52
C GLU A 521 -1.05 6.09 -21.15
N ALA A 522 0.09 5.52 -20.81
CA ALA A 522 0.82 5.86 -19.59
C ALA A 522 2.29 5.93 -19.96
N SER A 523 3.11 6.42 -19.04
CA SER A 523 4.52 6.59 -19.35
C SER A 523 5.36 5.39 -19.00
N CYS A 524 4.86 4.47 -18.17
CA CYS A 524 5.68 3.37 -17.71
C CYS A 524 4.77 2.30 -17.12
N PRO A 525 5.28 1.07 -16.97
CA PRO A 525 4.41 -0.01 -16.48
C PRO A 525 3.81 0.26 -15.11
N GLU A 526 4.52 0.95 -14.22
CA GLU A 526 3.91 1.19 -12.92
C GLU A 526 2.75 2.17 -13.02
N HIS A 527 2.81 3.14 -13.94
CA HIS A 527 1.64 3.99 -14.12
C HIS A 527 0.48 3.22 -14.73
N CYS A 528 0.75 2.19 -15.54
CA CYS A 528 -0.32 1.32 -16.01
C CYS A 528 -0.97 0.58 -14.84
N VAL A 529 -0.17 0.05 -13.93
CA VAL A 529 -0.72 -0.61 -12.75
C VAL A 529 -1.65 0.35 -11.99
N LYS A 530 -1.21 1.60 -11.82
CA LYS A 530 -2.05 2.61 -11.18
C LYS A 530 -3.35 2.86 -11.94
N GLN A 531 -3.30 2.92 -13.27
CA GLN A 531 -4.54 3.11 -14.03
C GLN A 531 -5.49 1.94 -13.81
N ILE A 532 -4.97 0.71 -13.85
CA ILE A 532 -5.83 -0.45 -13.64
C ILE A 532 -6.45 -0.42 -12.25
N LEU A 533 -5.63 -0.15 -11.22
CA LEU A 533 -6.17 -0.04 -9.86
C LEU A 533 -7.31 0.97 -9.80
N LYS A 534 -7.15 2.12 -10.46
CA LYS A 534 -8.14 3.20 -10.40
C LYS A 534 -9.27 3.05 -11.42
N GLY A 535 -9.32 1.95 -12.16
CA GLY A 535 -10.41 1.73 -13.09
C GLY A 535 -10.31 2.53 -14.38
N GLU A 536 -9.13 3.03 -14.71
CA GLU A 536 -8.91 3.79 -15.94
C GLU A 536 -8.44 2.92 -17.09
N ALA A 537 -7.89 1.75 -16.79
CA ALA A 537 -7.53 0.76 -17.79
C ALA A 537 -7.88 -0.61 -17.23
N ASP A 538 -7.76 -1.66 -18.05
CA ASP A 538 -8.11 -2.99 -17.62
C ASP A 538 -6.99 -4.01 -17.67
N ALA A 539 -5.94 -3.79 -18.44
CA ALA A 539 -4.95 -4.84 -18.60
C ALA A 539 -3.64 -4.25 -19.09
N VAL A 540 -2.55 -4.95 -18.77
CA VAL A 540 -1.22 -4.59 -19.24
C VAL A 540 -0.36 -5.83 -19.08
N THR A 541 0.61 -5.98 -19.98
CA THR A 541 1.61 -7.05 -19.89
C THR A 541 2.80 -6.56 -19.09
N LEU A 542 3.19 -7.31 -18.06
CA LEU A 542 4.24 -6.88 -17.15
C LEU A 542 5.47 -7.78 -17.23
N ASP A 543 6.63 -7.14 -17.31
CA ASP A 543 7.90 -7.83 -17.07
C ASP A 543 7.89 -8.41 -15.66
N VAL A 544 8.65 -9.49 -15.48
CA VAL A 544 8.79 -10.14 -14.16
C VAL A 544 9.18 -9.13 -13.08
N GLN A 545 10.08 -8.20 -13.39
CA GLN A 545 10.57 -7.22 -12.42
C GLN A 545 9.49 -6.27 -11.91
N TYR A 546 8.29 -6.28 -12.47
CA TYR A 546 7.22 -5.44 -11.96
C TYR A 546 6.14 -6.23 -11.25
N MET A 547 6.21 -7.55 -11.26
CA MET A 547 5.07 -8.35 -10.82
C MET A 547 4.93 -8.35 -9.30
N TYR A 548 6.04 -8.22 -8.58
CA TYR A 548 5.93 -8.19 -7.11
C TYR A 548 5.12 -6.98 -6.68
N MET A 549 5.41 -5.83 -7.27
CA MET A 549 4.63 -4.64 -6.99
C MET A 549 3.18 -4.78 -7.43
N ALA A 550 2.94 -5.34 -8.63
CA ALA A 550 1.57 -5.52 -9.09
C ALA A 550 0.78 -6.47 -8.17
N LEU A 551 1.38 -7.59 -7.78
CA LEU A 551 0.69 -8.54 -6.90
C LEU A 551 0.50 -7.96 -5.49
N MET A 552 1.49 -7.22 -4.97
CA MET A 552 1.33 -6.55 -3.68
C MET A 552 0.14 -5.59 -3.71
N CYS A 553 -0.08 -4.88 -4.83
CA CYS A 553 -1.19 -3.94 -4.94
C CYS A 553 -2.53 -4.63 -5.18
N GLY A 554 -2.54 -5.93 -5.37
CA GLY A 554 -3.79 -6.66 -5.44
C GLY A 554 -4.23 -7.05 -6.82
N LEU A 555 -3.45 -6.74 -7.87
CA LEU A 555 -3.77 -7.26 -9.19
C LEU A 555 -3.42 -8.74 -9.27
N LEU A 556 -3.98 -9.41 -10.27
CA LEU A 556 -3.80 -10.83 -10.49
C LEU A 556 -3.38 -11.12 -11.91
N PRO A 557 -2.56 -12.15 -12.14
CA PRO A 557 -2.30 -12.60 -13.52
C PRO A 557 -3.59 -13.16 -14.10
N ALA A 558 -3.96 -12.68 -15.29
CA ALA A 558 -5.09 -13.27 -15.99
C ALA A 558 -4.64 -14.29 -17.01
N VAL A 559 -3.71 -13.91 -17.90
CA VAL A 559 -3.06 -14.83 -18.82
C VAL A 559 -1.57 -14.52 -18.78
N GLU A 560 -0.78 -15.45 -19.30
CA GLU A 560 0.67 -15.30 -19.35
C GLU A 560 1.18 -15.57 -20.75
N GLU A 561 2.32 -14.95 -21.07
CA GLU A 561 2.97 -15.18 -22.37
C GLU A 561 3.69 -16.53 -22.35
N TYR A 562 3.24 -17.44 -23.22
CA TYR A 562 3.82 -18.78 -23.36
C TYR A 562 4.86 -18.75 -24.46
N PRO A 563 6.13 -19.03 -24.18
CA PRO A 563 7.18 -18.78 -25.16
C PRO A 563 7.83 -20.01 -25.79
N ASN A 564 7.26 -21.20 -25.57
CA ASN A 564 7.91 -22.45 -25.96
C ASN A 564 7.71 -22.72 -27.45
N LYS A 565 8.76 -22.52 -28.24
CA LYS A 565 8.68 -22.71 -29.68
C LYS A 565 8.59 -24.17 -30.11
N ASP A 566 8.69 -25.12 -29.18
CA ASP A 566 8.74 -26.54 -29.51
C ASP A 566 7.47 -27.29 -29.15
N ASP A 567 6.40 -26.58 -28.77
CA ASP A 567 5.17 -27.27 -28.38
C ASP A 567 4.04 -26.26 -28.51
N PHE A 568 3.39 -26.25 -29.67
CA PHE A 568 2.24 -25.40 -29.91
C PHE A 568 0.93 -26.06 -29.46
N HIS A 569 1.02 -27.27 -28.92
CA HIS A 569 -0.21 -27.99 -28.57
C HIS A 569 -1.00 -27.28 -27.47
N PRO A 570 -0.39 -26.71 -26.42
CA PRO A 570 -1.19 -25.89 -25.48
C PRO A 570 -1.79 -24.66 -26.11
N CYS A 571 -1.23 -24.16 -27.21
CA CYS A 571 -1.82 -23.02 -27.89
C CYS A 571 -2.97 -23.43 -28.80
N GLN A 572 -2.83 -24.57 -29.49
CA GLN A 572 -3.91 -25.07 -30.33
C GLN A 572 -5.14 -25.41 -29.50
N ILE A 573 -5.00 -26.34 -28.56
CA ILE A 573 -6.13 -26.74 -27.72
C ILE A 573 -5.97 -26.07 -26.36
N PRO A 574 -6.70 -25.00 -26.08
CA PRO A 574 -6.63 -24.38 -24.75
C PRO A 574 -7.07 -25.36 -23.68
N GLY A 575 -6.63 -25.09 -22.45
CA GLY A 575 -6.88 -25.97 -21.34
C GLY A 575 -5.96 -27.18 -21.25
N SER A 576 -5.23 -27.48 -22.32
CA SER A 576 -4.35 -28.64 -22.34
C SER A 576 -3.25 -28.53 -21.29
N THR A 577 -2.67 -29.68 -20.97
CA THR A 577 -1.55 -29.75 -20.04
C THR A 577 -0.25 -29.33 -20.72
N ILE A 578 0.58 -28.60 -19.99
CA ILE A 578 1.81 -28.02 -20.51
C ILE A 578 2.98 -28.79 -19.91
N LYS A 579 3.74 -29.47 -20.78
CA LYS A 579 4.88 -30.25 -20.29
C LYS A 579 6.03 -29.35 -19.90
N ASP A 580 6.22 -28.26 -20.63
CA ASP A 580 7.33 -27.33 -20.38
C ASP A 580 6.87 -25.94 -20.80
N PHE A 581 6.73 -25.03 -19.84
CA PHE A 581 6.30 -23.68 -20.19
C PHE A 581 7.33 -22.97 -21.06
N GLY A 582 8.60 -23.35 -20.94
CA GLY A 582 9.62 -22.86 -21.84
C GLY A 582 10.33 -21.61 -21.40
N THR A 583 10.06 -21.12 -20.20
CA THR A 583 10.81 -19.97 -19.71
C THR A 583 12.26 -20.36 -19.49
N LYS A 584 13.10 -19.36 -19.29
CA LYS A 584 14.51 -19.64 -19.05
C LYS A 584 14.70 -20.16 -17.62
N ARG A 585 15.78 -20.91 -17.43
CA ARG A 585 16.23 -21.36 -16.12
C ARG A 585 17.60 -20.75 -15.89
N ALA A 586 17.75 -20.04 -14.77
CA ALA A 586 19.07 -19.53 -14.42
C ALA A 586 19.90 -20.68 -13.87
N VAL A 587 21.14 -20.81 -14.36
CA VAL A 587 22.03 -21.89 -13.95
C VAL A 587 23.38 -21.27 -13.60
N ALA A 588 24.15 -22.01 -12.81
CA ALA A 588 25.56 -21.69 -12.56
C ALA A 588 26.41 -22.64 -13.39
N LEU A 589 27.13 -22.09 -14.37
CA LEU A 589 27.84 -22.88 -15.37
C LEU A 589 29.34 -22.90 -15.09
N VAL A 590 29.91 -24.11 -15.04
CA VAL A 590 31.34 -24.31 -14.84
C VAL A 590 31.84 -25.39 -15.79
N LYS A 591 33.16 -25.48 -15.90
CA LYS A 591 33.80 -26.46 -16.76
C LYS A 591 33.94 -27.80 -16.03
N LYS A 592 33.92 -28.89 -16.82
CA LYS A 592 34.11 -30.22 -16.26
C LYS A 592 35.48 -30.38 -15.59
N SER A 593 36.49 -29.73 -16.14
CA SER A 593 37.85 -29.84 -15.60
C SER A 593 37.90 -29.37 -14.16
N ASN A 594 37.35 -28.19 -13.88
CA ASN A 594 37.31 -27.63 -12.53
C ASN A 594 36.38 -28.47 -11.66
N LYS A 595 36.89 -29.64 -11.26
CA LYS A 595 36.10 -30.58 -10.47
C LYS A 595 35.94 -30.15 -9.02
N ASP A 596 36.68 -29.13 -8.56
CA ASP A 596 36.68 -28.77 -7.16
C ASP A 596 35.54 -27.85 -6.76
N ILE A 597 34.95 -27.14 -7.71
CA ILE A 597 34.00 -26.06 -7.40
C ILE A 597 32.60 -26.65 -7.20
N LYS A 598 31.93 -26.24 -6.13
CA LYS A 598 30.53 -26.56 -5.87
C LYS A 598 29.82 -25.27 -5.47
N TRP A 599 28.50 -25.36 -5.27
CA TRP A 599 27.73 -24.17 -4.89
C TRP A 599 28.29 -23.55 -3.61
N ASN A 600 28.48 -24.37 -2.57
CA ASN A 600 28.80 -23.85 -1.25
C ASN A 600 30.21 -23.26 -1.13
N ASN A 601 31.09 -23.42 -2.14
CA ASN A 601 32.42 -22.84 -2.03
C ASN A 601 32.67 -21.76 -3.08
N LEU A 602 31.63 -21.19 -3.68
CA LEU A 602 31.84 -20.16 -4.68
C LEU A 602 32.44 -18.87 -4.13
N LYS A 603 32.48 -18.71 -2.82
CA LYS A 603 32.99 -17.47 -2.25
C LYS A 603 34.44 -17.25 -2.67
N GLY A 604 34.73 -16.04 -3.16
CA GLY A 604 36.07 -15.69 -3.58
C GLY A 604 36.48 -16.15 -4.95
N LYS A 605 35.71 -17.01 -5.60
CA LYS A 605 36.06 -17.51 -6.93
C LYS A 605 35.83 -16.43 -7.99
N LYS A 606 36.13 -16.78 -9.23
CA LYS A 606 35.96 -15.88 -10.38
C LYS A 606 34.63 -16.16 -11.06
N SER A 607 33.87 -15.11 -11.35
CA SER A 607 32.51 -15.30 -11.85
C SER A 607 32.25 -14.41 -13.05
N CYS A 608 31.39 -14.90 -13.93
CA CYS A 608 31.01 -14.20 -15.16
C CYS A 608 29.51 -13.98 -15.14
N HIS A 609 29.10 -12.73 -15.26
CA HIS A 609 27.69 -12.35 -15.25
C HIS A 609 27.34 -11.69 -16.58
N THR A 610 26.19 -12.09 -17.14
CA THR A 610 25.70 -11.45 -18.36
C THR A 610 25.74 -9.93 -18.24
N HIS A 611 25.13 -9.38 -17.19
CA HIS A 611 25.31 -7.97 -16.83
C HIS A 611 24.53 -7.69 -15.54
N VAL A 612 24.90 -6.60 -14.87
CA VAL A 612 24.16 -6.14 -13.70
C VAL A 612 22.72 -5.89 -14.09
N GLY A 613 21.78 -6.42 -13.29
CA GLY A 613 20.37 -6.19 -13.50
C GLY A 613 19.65 -7.29 -14.26
N ASP A 614 20.39 -8.09 -15.01
CA ASP A 614 19.79 -9.24 -15.67
C ASP A 614 19.28 -10.22 -14.62
N ILE A 615 18.11 -10.80 -14.86
CA ILE A 615 17.50 -11.65 -13.85
C ILE A 615 18.27 -12.97 -13.75
N PRO A 616 18.42 -13.75 -14.85
CA PRO A 616 19.19 -15.00 -14.71
C PRO A 616 20.67 -14.78 -14.37
N GLY A 617 21.27 -13.70 -14.88
CA GLY A 617 22.68 -13.50 -14.68
C GLY A 617 23.10 -12.71 -13.46
N TRP A 618 22.15 -12.07 -12.77
CA TRP A 618 22.52 -11.18 -11.67
C TRP A 618 21.53 -11.23 -10.50
N VAL A 619 20.25 -10.95 -10.77
CA VAL A 619 19.27 -10.80 -9.69
C VAL A 619 19.07 -12.11 -8.94
N ILE A 620 18.90 -13.21 -9.67
CA ILE A 620 18.79 -14.52 -9.02
C ILE A 620 20.06 -14.89 -8.26
N PRO A 621 21.26 -14.83 -8.85
CA PRO A 621 22.48 -15.12 -8.07
C PRO A 621 22.68 -14.17 -6.91
N ALA A 622 22.52 -12.86 -7.12
CA ALA A 622 22.69 -11.92 -6.03
C ALA A 622 21.71 -12.23 -4.89
N GLY A 623 20.49 -12.64 -5.23
CA GLY A 623 19.50 -12.93 -4.20
C GLY A 623 19.88 -14.14 -3.35
N LEU A 624 20.37 -15.21 -4.00
CA LEU A 624 20.78 -16.38 -3.24
C LEU A 624 21.99 -16.10 -2.38
N ILE A 625 23.00 -15.42 -2.93
CA ILE A 625 24.18 -15.05 -2.14
C ILE A 625 23.77 -14.21 -0.93
N SER A 626 22.88 -13.25 -1.15
CA SER A 626 22.41 -12.38 -0.07
C SER A 626 21.67 -13.19 1.00
N ASN A 627 20.82 -14.13 0.58
CA ASN A 627 20.04 -14.92 1.53
C ASN A 627 20.92 -15.82 2.39
N GLN A 628 22.04 -16.27 1.86
CA GLN A 628 22.88 -17.27 2.51
C GLN A 628 24.13 -16.68 3.16
N ASN A 629 24.36 -15.37 3.04
CA ASN A 629 25.58 -14.76 3.53
C ASN A 629 25.31 -13.38 4.14
N ASP A 630 24.12 -13.19 4.71
CA ASP A 630 23.81 -11.99 5.51
C ASP A 630 23.89 -10.72 4.69
N ASN A 631 23.34 -10.78 3.48
CA ASN A 631 23.25 -9.62 2.57
C ASN A 631 24.61 -9.00 2.30
N ILE A 632 25.67 -9.83 2.27
CA ILE A 632 26.99 -9.32 1.92
C ILE A 632 27.00 -9.06 0.41
N ASP A 633 27.70 -8.00 0.01
CA ASP A 633 27.65 -7.58 -1.39
C ASP A 633 28.13 -8.71 -2.29
N ILE A 634 27.35 -8.97 -3.34
CA ILE A 634 27.84 -9.80 -4.44
C ILE A 634 29.15 -9.24 -4.98
N GLU A 635 29.36 -7.93 -4.83
CA GLU A 635 30.66 -7.34 -5.12
C GLU A 635 31.75 -7.97 -4.26
N SER A 636 31.53 -8.04 -2.95
CA SER A 636 32.54 -8.56 -2.04
C SER A 636 32.62 -10.08 -2.02
N PHE A 637 31.57 -10.77 -2.48
CA PHE A 637 31.52 -12.23 -2.36
C PHE A 637 32.55 -12.90 -3.25
N PHE A 638 32.64 -12.50 -4.51
CA PHE A 638 33.54 -13.14 -5.45
C PHE A 638 34.92 -12.49 -5.39
N GLY A 639 35.88 -13.14 -6.04
CA GLY A 639 37.22 -12.59 -6.15
C GLY A 639 37.30 -11.56 -7.26
N GLU A 640 37.64 -12.03 -8.46
CA GLU A 640 37.67 -11.18 -9.64
C GLU A 640 36.61 -11.66 -10.63
N SER A 641 35.82 -10.74 -11.15
CA SER A 641 34.63 -11.09 -11.90
C SER A 641 34.47 -10.15 -13.08
N CYS A 642 33.61 -10.53 -14.01
CA CYS A 642 33.12 -9.63 -15.04
C CYS A 642 31.60 -9.56 -14.95
N ALA A 643 31.10 -8.38 -14.62
CA ALA A 643 29.65 -8.12 -14.57
C ALA A 643 29.45 -6.74 -15.16
N PRO A 644 29.18 -6.66 -16.46
CA PRO A 644 29.03 -5.36 -17.12
C PRO A 644 27.96 -4.50 -16.45
N GLY A 645 28.28 -3.21 -16.28
CA GLY A 645 27.43 -2.27 -15.57
C GLY A 645 27.97 -1.86 -14.22
N SER A 646 28.95 -2.60 -13.69
CA SER A 646 29.58 -2.22 -12.44
C SER A 646 30.56 -1.07 -12.66
N ASP A 647 31.10 -0.56 -11.56
CA ASP A 647 32.08 0.51 -11.64
C ASP A 647 33.41 -0.06 -12.11
N THR A 648 34.08 0.65 -13.01
CA THR A 648 35.24 0.09 -13.70
C THR A 648 36.39 -0.22 -12.75
N ASN A 649 36.46 0.49 -11.62
CA ASN A 649 37.55 0.28 -10.66
C ASN A 649 37.32 -0.95 -9.77
N SER A 650 36.08 -1.44 -9.67
CA SER A 650 35.76 -2.53 -8.76
C SER A 650 36.27 -3.86 -9.30
N LYS A 651 36.32 -4.86 -8.41
CA LYS A 651 36.73 -6.20 -8.78
C LYS A 651 35.70 -6.92 -9.62
N LEU A 652 34.52 -6.33 -9.82
CA LEU A 652 33.52 -6.89 -10.73
C LEU A 652 33.83 -6.58 -12.19
N CYS A 653 34.82 -5.72 -12.48
CA CYS A 653 35.22 -5.41 -13.83
C CYS A 653 36.63 -5.86 -14.16
N LYS A 654 37.37 -6.42 -13.20
CA LYS A 654 38.76 -6.75 -13.43
C LYS A 654 38.92 -7.80 -14.52
N LEU A 655 37.97 -8.72 -14.64
CA LEU A 655 37.98 -9.73 -15.68
C LEU A 655 37.53 -9.21 -17.04
N CYS A 656 37.02 -7.98 -17.13
CA CYS A 656 36.31 -7.53 -18.31
C CYS A 656 37.28 -6.99 -19.36
N ILE A 657 37.19 -7.54 -20.57
CA ILE A 657 38.10 -7.19 -21.67
C ILE A 657 37.35 -6.20 -22.56
N GLY A 658 37.61 -4.91 -22.34
CA GLY A 658 36.87 -3.82 -22.94
C GLY A 658 36.44 -3.93 -24.39
N ASP A 659 37.40 -3.96 -25.30
CA ASP A 659 37.12 -3.95 -26.73
C ASP A 659 38.36 -4.42 -27.46
N PRO A 660 38.25 -5.45 -28.31
CA PRO A 660 39.41 -5.83 -29.13
C PRO A 660 39.89 -4.71 -30.08
N GLU A 661 39.07 -3.70 -30.34
CA GLU A 661 39.47 -2.51 -31.10
C GLU A 661 39.55 -1.35 -30.11
N ASN A 662 40.66 -1.31 -29.37
CA ASN A 662 40.81 -0.40 -28.24
C ASN A 662 40.52 1.04 -28.65
N PRO A 663 39.71 1.80 -27.90
CA PRO A 663 39.37 3.19 -28.21
C PRO A 663 40.49 4.16 -27.85
N SER A 666 36.81 3.93 -22.62
CA SER A 666 37.62 2.74 -22.86
C SER A 666 36.73 1.53 -23.23
N THR A 667 35.43 1.66 -22.94
CA THR A 667 34.41 0.65 -23.25
C THR A 667 34.61 -0.67 -22.52
N ARG A 668 35.37 -0.66 -21.42
CA ARG A 668 35.55 -1.86 -20.59
C ARG A 668 34.45 -1.92 -19.53
N CYS A 669 33.97 -3.15 -19.28
CA CYS A 669 32.88 -3.37 -18.33
C CYS A 669 31.60 -2.63 -18.74
N SER A 670 31.45 -2.40 -20.04
CA SER A 670 30.39 -1.56 -20.58
C SER A 670 29.13 -2.38 -20.86
N LEU A 671 27.98 -1.71 -20.76
CA LEU A 671 26.69 -2.33 -21.04
C LEU A 671 26.36 -2.26 -22.53
N SER A 672 27.27 -2.80 -23.33
CA SER A 672 27.12 -2.80 -24.77
C SER A 672 27.84 -4.01 -25.34
N ASP A 673 27.63 -4.26 -26.63
CA ASP A 673 28.38 -5.29 -27.31
C ASP A 673 29.87 -4.94 -27.39
N LYS A 674 30.20 -3.66 -27.20
CA LYS A 674 31.60 -3.26 -27.10
C LYS A 674 32.36 -4.14 -26.11
N GLU A 675 31.86 -4.26 -24.88
CA GLU A 675 32.41 -5.22 -23.94
C GLU A 675 32.28 -6.64 -24.50
N ALA A 676 33.42 -7.33 -24.61
CA ALA A 676 33.43 -8.65 -25.21
C ALA A 676 32.68 -9.67 -24.38
N TYR A 677 32.62 -9.47 -23.06
CA TYR A 677 32.02 -10.43 -22.15
C TYR A 677 30.57 -10.10 -21.79
N TYR A 678 29.98 -9.11 -22.46
CA TYR A 678 28.60 -8.71 -22.19
C TYR A 678 27.60 -9.70 -22.80
N GLY A 679 26.52 -9.94 -22.08
CA GLY A 679 25.42 -10.73 -22.59
C GLY A 679 25.54 -12.21 -22.31
N ASN A 680 24.60 -12.95 -22.90
CA ASN A 680 24.59 -14.41 -22.75
C ASN A 680 25.86 -15.05 -23.28
N GLU A 681 26.10 -14.91 -24.58
CA GLU A 681 27.32 -15.45 -25.17
C GLU A 681 28.56 -14.86 -24.51
N GLY A 682 28.51 -13.57 -24.15
CA GLY A 682 29.67 -12.91 -23.57
C GLY A 682 30.08 -13.49 -22.23
N ALA A 683 29.10 -13.77 -21.35
CA ALA A 683 29.43 -14.44 -20.09
C ALA A 683 29.94 -15.84 -20.34
N PHE A 684 29.52 -16.49 -21.44
CA PHE A 684 30.05 -17.80 -21.77
C PHE A 684 31.50 -17.70 -22.22
N ARG A 685 31.85 -16.65 -22.96
CA ARG A 685 33.25 -16.37 -23.26
C ARG A 685 34.07 -16.27 -21.99
N CYS A 686 33.66 -15.35 -21.10
CA CYS A 686 34.41 -15.08 -19.88
C CYS A 686 34.68 -16.37 -19.12
N LEU A 687 33.74 -17.31 -19.13
CA LEU A 687 33.96 -18.59 -18.45
C LEU A 687 35.10 -19.37 -19.08
N VAL A 688 35.05 -19.56 -20.41
CA VAL A 688 36.05 -20.41 -21.06
C VAL A 688 37.41 -19.74 -21.06
N GLU A 689 37.44 -18.42 -21.23
CA GLU A 689 38.71 -17.71 -21.35
C GLU A 689 39.37 -17.54 -19.98
N LYS A 690 38.85 -16.62 -19.17
CA LYS A 690 39.45 -16.28 -17.88
C LYS A 690 38.42 -16.36 -16.76
N GLY A 691 37.74 -17.50 -16.63
CA GLY A 691 36.60 -17.59 -15.74
C GLY A 691 36.50 -18.92 -15.05
N ASP A 692 35.71 -18.93 -13.98
CA ASP A 692 35.52 -20.04 -13.06
C ASP A 692 34.07 -20.49 -12.98
N VAL A 693 33.13 -19.55 -13.01
CA VAL A 693 31.71 -19.84 -13.02
C VAL A 693 31.01 -18.71 -13.76
N ALA A 694 29.98 -19.07 -14.53
CA ALA A 694 29.17 -18.08 -15.25
C ALA A 694 27.70 -18.26 -14.90
N PHE A 695 27.01 -17.14 -14.72
CA PHE A 695 25.59 -17.12 -14.38
C PHE A 695 24.80 -16.74 -15.62
N VAL A 696 24.05 -17.68 -16.15
CA VAL A 696 23.49 -17.55 -17.50
C VAL A 696 22.16 -18.29 -17.60
N PRO A 697 21.31 -17.96 -18.57
CA PRO A 697 20.20 -18.85 -18.90
C PRO A 697 20.74 -20.21 -19.32
N HIS A 698 19.90 -21.23 -19.16
CA HIS A 698 20.32 -22.59 -19.46
C HIS A 698 20.64 -22.80 -20.93
N THR A 699 20.18 -21.88 -21.79
CA THR A 699 20.30 -22.04 -23.23
C THR A 699 21.68 -21.67 -23.76
N VAL A 700 22.45 -20.88 -23.02
CA VAL A 700 23.66 -20.27 -23.57
C VAL A 700 24.71 -21.32 -23.90
N VAL A 701 24.78 -22.41 -23.12
CA VAL A 701 25.80 -23.42 -23.38
C VAL A 701 25.51 -24.15 -24.68
N PHE A 702 24.28 -24.61 -24.89
CA PHE A 702 23.96 -25.30 -26.13
C PHE A 702 24.06 -24.39 -27.35
N ALA A 703 23.87 -23.09 -27.15
CA ALA A 703 23.91 -22.15 -28.27
C ALA A 703 25.33 -21.87 -28.75
N ASN A 704 26.34 -22.20 -27.96
CA ASN A 704 27.71 -21.83 -28.27
C ASN A 704 28.67 -23.01 -28.15
N THR A 705 28.14 -24.23 -28.10
CA THR A 705 28.94 -25.46 -28.17
C THR A 705 28.36 -26.37 -29.24
N ASP A 706 28.97 -27.55 -29.38
CA ASP A 706 28.61 -28.52 -30.40
C ASP A 706 28.62 -27.87 -31.78
N GLY A 707 29.57 -26.94 -31.98
CA GLY A 707 29.74 -26.26 -33.25
C GLY A 707 28.52 -25.50 -33.72
N LYS A 708 28.03 -24.59 -32.90
CA LYS A 708 26.93 -23.72 -33.30
C LYS A 708 27.33 -22.25 -33.30
N ASN A 709 28.51 -21.91 -32.80
CA ASN A 709 29.05 -20.56 -32.91
C ASN A 709 30.35 -20.67 -33.70
N PRO A 710 30.42 -20.07 -34.89
CA PRO A 710 31.63 -20.24 -35.73
C PRO A 710 32.87 -19.58 -35.17
N ALA A 711 32.73 -18.64 -34.23
CA ALA A 711 33.85 -17.86 -33.71
C ALA A 711 34.99 -18.76 -33.23
N GLU A 712 36.20 -18.20 -33.21
CA GLU A 712 37.40 -18.97 -32.92
C GLU A 712 37.36 -19.54 -31.49
N TRP A 713 36.99 -18.70 -30.52
CA TRP A 713 36.99 -19.14 -29.13
C TRP A 713 36.00 -20.28 -28.91
N ALA A 714 34.79 -20.15 -29.47
CA ALA A 714 33.81 -21.22 -29.35
C ALA A 714 34.21 -22.44 -30.16
N LYS A 715 34.89 -22.23 -31.30
CA LYS A 715 35.29 -23.27 -32.25
C LYS A 715 34.24 -24.38 -32.33
N ASP A 716 34.64 -25.61 -32.01
CA ASP A 716 33.70 -26.70 -31.78
C ASP A 716 33.71 -27.06 -30.30
N LEU A 717 33.43 -26.08 -29.43
CA LEU A 717 33.37 -26.36 -28.00
C LEU A 717 32.30 -27.41 -27.75
N LYS A 718 32.53 -28.25 -26.73
CA LYS A 718 31.68 -29.40 -26.50
C LYS A 718 30.73 -29.14 -25.34
N SER A 719 29.45 -29.49 -25.53
CA SER A 719 28.49 -29.32 -24.45
C SER A 719 28.75 -30.28 -23.30
N GLU A 720 29.42 -31.40 -23.57
CA GLU A 720 29.80 -32.33 -22.52
C GLU A 720 30.93 -31.82 -21.66
N ASP A 721 31.58 -30.72 -22.07
CA ASP A 721 32.72 -30.16 -21.35
C ASP A 721 32.31 -29.31 -20.15
N PHE A 722 31.01 -29.06 -19.95
CA PHE A 722 30.55 -28.16 -18.91
C PHE A 722 29.45 -28.82 -18.10
N GLU A 723 29.29 -28.33 -16.87
CA GLU A 723 28.26 -28.81 -15.95
C GLU A 723 27.61 -27.62 -15.25
N ILE A 724 26.52 -27.91 -14.53
CA ILE A 724 25.80 -26.90 -13.76
C ILE A 724 25.85 -27.29 -12.29
N LEU A 725 25.91 -26.28 -11.43
CA LEU A 725 25.95 -26.49 -9.98
C LEU A 725 24.55 -26.49 -9.40
N CYS A 726 24.24 -27.52 -8.60
CA CYS A 726 22.98 -27.59 -7.88
C CYS A 726 23.15 -26.98 -6.50
N LEU A 727 22.05 -26.47 -5.95
CA LEU A 727 22.11 -25.79 -4.66
C LEU A 727 22.50 -26.72 -3.52
N ASP A 728 22.51 -28.04 -3.72
CA ASP A 728 22.83 -28.97 -2.64
C ASP A 728 24.30 -29.39 -2.63
N GLY A 729 25.16 -28.69 -3.36
CA GLY A 729 26.57 -29.01 -3.41
C GLY A 729 26.97 -29.98 -4.50
N SER A 730 26.01 -30.65 -5.12
CA SER A 730 26.27 -31.59 -6.21
C SER A 730 26.43 -30.85 -7.54
N ARG A 731 26.57 -31.62 -8.61
CA ARG A 731 26.62 -31.10 -9.98
C ARG A 731 25.76 -32.00 -10.87
N ALA A 732 25.53 -31.54 -12.11
CA ALA A 732 24.74 -32.29 -13.08
C ALA A 732 25.13 -31.82 -14.47
N PRO A 733 24.91 -32.64 -15.50
CA PRO A 733 25.20 -32.20 -16.87
C PRO A 733 24.24 -31.10 -17.29
N VAL A 734 24.72 -30.24 -18.19
CA VAL A 734 23.99 -29.04 -18.58
C VAL A 734 22.61 -29.36 -19.16
N THR A 735 22.34 -30.62 -19.48
CA THR A 735 21.04 -31.04 -19.98
C THR A 735 19.98 -31.17 -18.89
N ASN A 736 20.39 -31.28 -17.62
CA ASN A 736 19.43 -31.41 -16.52
C ASN A 736 19.07 -30.08 -15.88
N TYR A 737 18.98 -29.01 -16.69
CA TYR A 737 18.73 -27.68 -16.15
C TYR A 737 17.39 -27.58 -15.44
N ARG A 738 16.45 -28.48 -15.72
CA ARG A 738 15.12 -28.40 -15.14
C ARG A 738 15.10 -28.80 -13.68
N GLY A 739 16.11 -29.54 -13.23
CA GLY A 739 16.16 -30.01 -11.85
C GLY A 739 17.40 -29.55 -11.11
N CYS A 740 18.35 -28.94 -11.81
CA CYS A 740 19.59 -28.42 -11.22
C CYS A 740 19.82 -27.00 -11.72
N ASN A 741 19.02 -26.06 -11.21
CA ASN A 741 19.11 -24.66 -11.59
C ASN A 741 19.10 -23.79 -10.33
N LEU A 742 19.48 -22.53 -10.50
CA LEU A 742 19.35 -21.57 -9.41
C LEU A 742 17.89 -21.16 -9.23
N SER A 743 17.20 -20.85 -10.33
CA SER A 743 15.75 -20.69 -10.31
C SER A 743 15.26 -20.65 -11.75
N GLY A 744 14.07 -21.20 -11.97
CA GLY A 744 13.35 -20.94 -13.21
C GLY A 744 12.63 -19.59 -13.14
N LEU A 745 12.62 -18.90 -14.26
CA LEU A 745 11.87 -17.66 -14.31
C LEU A 745 10.39 -17.93 -14.54
N PRO A 746 9.51 -17.12 -13.96
CA PRO A 746 8.10 -17.19 -14.32
C PRO A 746 7.88 -16.48 -15.64
N PRO A 747 6.81 -16.79 -16.35
CA PRO A 747 6.53 -16.09 -17.62
C PRO A 747 6.02 -14.68 -17.36
N ARG A 748 6.06 -13.87 -18.40
CA ARG A 748 5.46 -12.55 -18.34
C ARG A 748 3.95 -12.72 -18.22
N ALA A 749 3.32 -11.79 -17.51
CA ALA A 749 1.91 -11.93 -17.20
C ALA A 749 1.13 -10.71 -17.62
N ILE A 750 -0.10 -10.94 -18.08
CA ILE A 750 -1.09 -9.89 -18.29
C ILE A 750 -1.92 -9.79 -17.01
N VAL A 751 -1.86 -8.64 -16.34
CA VAL A 751 -2.50 -8.47 -15.03
C VAL A 751 -3.75 -7.63 -15.17
N THR A 752 -4.67 -7.82 -14.24
CA THR A 752 -5.89 -7.00 -14.16
C THR A 752 -6.41 -7.06 -12.73
N ARG A 753 -7.52 -6.36 -12.48
CA ARG A 753 -8.17 -6.40 -11.17
C ARG A 753 -8.79 -7.77 -10.95
N GLU A 754 -8.90 -8.17 -9.69
CA GLU A 754 -9.42 -9.49 -9.39
C GLU A 754 -10.79 -9.71 -10.04
N GLU A 755 -11.67 -8.71 -9.97
CA GLU A 755 -13.02 -8.93 -10.48
C GLU A 755 -13.10 -8.93 -12.00
N SER A 756 -12.02 -8.58 -12.71
CA SER A 756 -12.03 -8.54 -14.17
C SER A 756 -11.27 -9.69 -14.82
N VAL A 757 -10.66 -10.58 -14.01
CA VAL A 757 -9.90 -11.69 -14.57
C VAL A 757 -10.72 -12.48 -15.58
N SER A 758 -11.97 -12.82 -15.23
CA SER A 758 -12.74 -13.70 -16.09
C SER A 758 -13.08 -13.02 -17.42
N ASP A 759 -13.48 -11.74 -17.39
CA ASP A 759 -13.72 -11.01 -18.63
C ASP A 759 -12.46 -10.88 -19.48
N VAL A 760 -11.33 -10.53 -18.85
CA VAL A 760 -10.10 -10.34 -19.62
C VAL A 760 -9.64 -11.65 -20.23
N VAL A 761 -9.76 -12.76 -19.50
CA VAL A 761 -9.41 -14.06 -20.08
C VAL A 761 -10.30 -14.35 -21.29
N ARG A 762 -11.61 -14.12 -21.15
CA ARG A 762 -12.53 -14.48 -22.20
C ARG A 762 -12.28 -13.64 -23.45
N ILE A 763 -12.09 -12.33 -23.27
CA ILE A 763 -11.89 -11.43 -24.41
C ILE A 763 -10.56 -11.73 -25.10
N LEU A 764 -9.50 -11.92 -24.32
CA LEU A 764 -8.18 -12.16 -24.91
C LEU A 764 -8.10 -13.52 -25.61
N ILE A 765 -8.72 -14.55 -25.03
CA ILE A 765 -8.69 -15.86 -25.68
C ILE A 765 -9.43 -15.79 -27.01
N ASN A 766 -10.53 -15.05 -27.05
CA ASN A 766 -11.25 -14.91 -28.31
C ASN A 766 -10.44 -14.08 -29.32
N GLN A 767 -9.87 -12.96 -28.87
CA GLN A 767 -9.00 -12.19 -29.76
C GLN A 767 -7.88 -13.06 -30.33
N GLN A 768 -7.34 -13.95 -29.50
CA GLN A 768 -6.24 -14.80 -29.93
C GLN A 768 -6.68 -15.84 -30.97
N SER A 769 -7.93 -16.29 -30.91
CA SER A 769 -8.42 -17.22 -31.92
C SER A 769 -8.56 -16.55 -33.28
N LEU A 770 -8.62 -15.21 -33.31
CA LEU A 770 -8.70 -14.47 -34.56
C LEU A 770 -7.35 -13.96 -35.02
N TYR A 771 -6.53 -13.45 -34.11
CA TYR A 771 -5.32 -12.73 -34.51
C TYR A 771 -4.05 -13.30 -33.89
N GLY A 772 -4.13 -14.47 -33.27
CA GLY A 772 -2.95 -15.17 -32.82
C GLY A 772 -2.22 -15.81 -33.98
N ARG A 773 -1.22 -16.63 -33.64
CA ARG A 773 -0.32 -17.20 -34.64
C ARG A 773 -1.04 -18.16 -35.59
N ASN A 774 -2.14 -18.76 -35.13
CA ASN A 774 -3.01 -19.57 -35.96
C ASN A 774 -4.41 -18.98 -36.02
N GLY A 775 -4.51 -17.65 -35.88
CA GLY A 775 -5.82 -17.02 -35.83
C GLY A 775 -6.57 -17.15 -37.13
N PHE A 776 -7.90 -17.27 -37.03
CA PHE A 776 -8.71 -17.42 -38.22
C PHE A 776 -8.68 -16.17 -39.10
N GLU A 777 -8.37 -15.01 -38.53
CA GLU A 777 -8.29 -13.76 -39.30
C GLU A 777 -6.92 -13.13 -39.16
N LYS A 778 -5.87 -13.96 -39.14
CA LYS A 778 -4.54 -13.42 -38.93
C LYS A 778 -4.05 -12.57 -40.10
N ASP A 779 -4.75 -12.60 -41.23
CA ASP A 779 -4.40 -11.64 -42.27
C ASP A 779 -4.91 -10.24 -41.96
N MET A 780 -5.88 -10.10 -41.06
CA MET A 780 -6.30 -8.73 -40.74
C MET A 780 -5.48 -8.08 -39.66
N PHE A 781 -4.87 -8.86 -38.77
CA PHE A 781 -4.10 -8.29 -37.68
C PHE A 781 -3.35 -9.41 -37.00
N GLN A 782 -2.12 -9.13 -36.57
CA GLN A 782 -1.29 -10.04 -35.79
C GLN A 782 -1.01 -9.48 -34.40
N MET A 783 -1.39 -10.23 -33.37
CA MET A 783 -1.20 -9.74 -32.01
C MET A 783 0.27 -9.70 -31.64
N PHE A 784 1.07 -10.64 -32.14
CA PHE A 784 2.42 -10.85 -31.65
C PHE A 784 3.51 -10.36 -32.61
N SER A 785 3.20 -9.40 -33.49
CA SER A 785 4.25 -8.72 -34.25
C SER A 785 3.78 -7.31 -34.58
N SER A 786 4.67 -6.52 -35.17
CA SER A 786 4.25 -5.23 -35.68
C SER A 786 5.37 -4.64 -36.51
N ALA A 787 4.97 -3.88 -37.54
CA ALA A 787 5.90 -3.04 -38.29
C ALA A 787 6.28 -1.79 -37.53
N LYS A 788 5.50 -1.43 -36.50
CA LYS A 788 5.75 -0.21 -35.75
C LYS A 788 6.87 -0.33 -34.74
N GLY A 789 7.34 -1.54 -34.45
CA GLY A 789 8.44 -1.72 -33.52
C GLY A 789 8.47 -3.14 -32.98
N GLN A 790 9.40 -3.35 -32.07
CA GLN A 790 9.63 -4.67 -31.50
C GLN A 790 8.96 -4.82 -30.14
N ASN A 791 8.32 -5.97 -29.93
CA ASN A 791 7.73 -6.34 -28.64
C ASN A 791 6.75 -5.27 -28.14
N LEU A 792 5.84 -4.86 -29.02
CA LEU A 792 4.81 -3.90 -28.65
C LEU A 792 3.63 -4.65 -28.08
N LEU A 793 3.26 -4.31 -26.83
CA LEU A 793 2.14 -4.88 -26.08
C LEU A 793 2.47 -6.27 -25.57
N PHE A 794 2.96 -7.13 -26.46
CA PHE A 794 3.41 -8.48 -26.12
C PHE A 794 4.81 -8.67 -26.67
N ASN A 795 5.53 -9.62 -26.10
CA ASN A 795 6.83 -9.99 -26.65
C ASN A 795 6.64 -10.71 -27.98
N ASP A 796 7.45 -10.34 -28.98
CA ASP A 796 7.26 -10.85 -30.33
C ASP A 796 7.47 -12.36 -30.43
N GLU A 797 8.19 -12.98 -29.49
CA GLU A 797 8.40 -14.42 -29.50
C GLU A 797 7.30 -15.20 -28.80
N THR A 798 6.28 -14.51 -28.29
CA THR A 798 5.17 -15.17 -27.63
C THR A 798 4.47 -16.12 -28.59
N GLN A 799 4.25 -17.36 -28.15
CA GLN A 799 3.55 -18.32 -28.98
C GLN A 799 2.05 -18.15 -28.86
N CYS A 800 1.56 -17.95 -27.65
CA CYS A 800 0.17 -17.62 -27.38
C CYS A 800 0.08 -17.20 -25.92
N LEU A 801 -1.09 -16.72 -25.54
CA LEU A 801 -1.38 -16.40 -24.15
C LEU A 801 -2.15 -17.56 -23.54
N ILE A 802 -1.80 -17.90 -22.30
CA ILE A 802 -2.36 -19.05 -21.61
C ILE A 802 -2.98 -18.57 -20.31
N GLU A 803 -4.24 -18.95 -20.07
CA GLU A 803 -4.91 -18.58 -18.83
C GLU A 803 -4.12 -19.04 -17.61
N PHE A 804 -3.88 -18.13 -16.67
CA PHE A 804 -3.21 -18.49 -15.42
C PHE A 804 -4.10 -19.44 -14.62
N ASP A 805 -3.61 -20.64 -14.34
CA ASP A 805 -4.36 -21.63 -13.57
C ASP A 805 -4.10 -21.37 -12.10
N ARG A 806 -5.01 -20.62 -11.47
CA ARG A 806 -4.83 -20.17 -10.10
C ARG A 806 -4.92 -21.36 -9.15
N GLN A 807 -3.90 -21.53 -8.31
CA GLN A 807 -3.82 -22.61 -7.34
C GLN A 807 -4.19 -22.11 -5.94
N PRO A 808 -4.55 -23.02 -5.02
CA PRO A 808 -4.86 -22.59 -3.64
C PRO A 808 -3.61 -22.40 -2.79
N LYS A 809 -2.89 -21.32 -3.07
CA LYS A 809 -1.70 -20.94 -2.33
C LYS A 809 -1.57 -19.42 -2.42
N ASP A 810 -0.58 -18.88 -1.72
CA ASP A 810 -0.26 -17.46 -1.84
C ASP A 810 0.03 -17.13 -3.30
N ILE A 811 -0.56 -16.02 -3.77
CA ILE A 811 -0.34 -15.61 -5.17
C ILE A 811 1.15 -15.38 -5.44
N MET A 812 1.90 -14.90 -4.44
CA MET A 812 3.35 -14.74 -4.62
C MET A 812 4.00 -16.06 -4.99
N GLU A 813 3.72 -17.11 -4.22
CA GLU A 813 4.24 -18.42 -4.56
C GLU A 813 3.64 -18.93 -5.86
N ASP A 814 2.34 -18.71 -6.06
CA ASP A 814 1.67 -19.24 -7.24
C ASP A 814 2.25 -18.63 -8.52
N TYR A 815 2.45 -17.31 -8.53
CA TYR A 815 2.95 -16.68 -9.76
C TYR A 815 4.46 -16.84 -9.91
N PHE A 816 5.24 -16.55 -8.85
CA PHE A 816 6.69 -16.62 -9.01
C PHE A 816 7.24 -18.05 -9.04
N GLY A 817 6.53 -19.03 -8.48
CA GLY A 817 7.16 -20.29 -8.17
C GLY A 817 7.91 -20.18 -6.86
N VAL A 818 7.98 -21.25 -6.06
CA VAL A 818 8.52 -21.10 -4.71
C VAL A 818 10.02 -20.80 -4.76
N ARG A 819 10.73 -21.38 -5.73
CA ARG A 819 12.18 -21.17 -5.79
C ARG A 819 12.51 -19.70 -6.08
N TYR A 820 11.90 -19.13 -7.11
CA TYR A 820 12.16 -17.73 -7.44
C TYR A 820 11.73 -16.81 -6.31
N TYR A 821 10.53 -17.03 -5.76
CA TYR A 821 10.04 -16.23 -4.64
C TYR A 821 11.04 -16.21 -3.49
N THR A 822 11.59 -17.38 -3.16
CA THR A 822 12.57 -17.49 -2.09
C THR A 822 13.89 -16.84 -2.45
N ALA A 823 14.39 -17.11 -3.66
CA ALA A 823 15.72 -16.65 -4.03
C ALA A 823 15.80 -15.13 -4.13
N VAL A 824 14.76 -14.49 -4.68
CA VAL A 824 14.79 -13.06 -4.99
C VAL A 824 14.15 -12.23 -3.89
N TYR A 825 13.09 -12.73 -3.24
CA TYR A 825 12.33 -11.95 -2.28
C TYR A 825 12.34 -12.57 -0.88
N SER A 826 13.15 -13.60 -0.63
CA SER A 826 13.18 -14.34 0.65
C SER A 826 11.82 -14.90 1.02
N ALA A 827 10.98 -15.15 0.01
CA ALA A 827 9.62 -15.67 0.22
C ALA A 827 8.82 -14.77 1.16
N SER A 828 9.06 -13.46 1.10
CA SER A 828 8.48 -12.50 2.03
C SER A 828 7.58 -11.53 1.29
N ARG A 829 6.50 -11.09 1.96
CA ARG A 829 5.62 -10.06 1.45
C ARG A 829 5.98 -8.68 1.94
N SER A 830 7.22 -8.49 2.42
CA SER A 830 7.63 -7.26 3.06
C SER A 830 8.68 -6.51 2.28
N ALA A 831 9.10 -7.00 1.12
CA ALA A 831 10.04 -6.25 0.28
C ALA A 831 9.34 -5.05 -0.36
N VAL A 832 10.11 -4.01 -0.62
CA VAL A 832 9.56 -2.76 -1.17
C VAL A 832 10.38 -2.38 -2.40
N PRO A 833 10.23 -3.10 -3.51
CA PRO A 833 10.96 -2.71 -4.73
C PRO A 833 10.40 -1.45 -5.38
N SER A 834 9.22 -0.98 -4.98
CA SER A 834 8.66 0.24 -5.54
C SER A 834 7.97 1.02 -4.42
N GLU A 835 8.20 2.34 -4.38
CA GLU A 835 7.54 3.16 -3.36
C GLU A 835 6.04 3.25 -3.54
N LEU A 836 5.50 2.69 -4.63
CA LEU A 836 4.05 2.59 -4.74
C LEU A 836 3.47 1.59 -3.74
N ILE A 837 4.24 0.58 -3.36
CA ILE A 837 3.68 -0.51 -2.53
C ILE A 837 3.12 -0.01 -1.20
N PRO A 838 3.82 0.84 -0.41
CA PRO A 838 3.19 1.31 0.83
C PRO A 838 1.92 2.10 0.60
N ALA A 839 1.80 2.78 -0.55
CA ALA A 839 0.57 3.53 -0.80
C ALA A 839 -0.55 2.59 -1.26
N CYS A 840 -0.25 1.64 -2.13
CA CYS A 840 -1.32 0.80 -2.62
C CYS A 840 -1.76 -0.26 -1.62
N THR A 841 -0.96 -0.53 -0.58
CA THR A 841 -1.38 -1.49 0.46
C THR A 841 -1.93 -0.82 1.71
N PHE A 842 -2.06 0.51 1.70
CA PHE A 842 -2.65 1.23 2.83
C PHE A 842 -4.08 0.73 3.08
N LYS A 843 -4.42 0.43 4.34
CA LYS A 843 -5.71 -0.19 4.63
C LYS A 843 -6.80 0.85 4.85
N HIS A 844 -8.05 0.47 4.55
CA HIS A 844 -9.15 1.41 4.50
C HIS A 844 -10.30 1.05 5.44
N CYS A 845 -11.17 2.03 5.65
CA CYS A 845 -12.32 1.92 6.57
C CYS A 845 -13.57 1.86 5.71
N SER A 846 -13.80 0.71 5.11
CA SER A 846 -14.84 0.53 4.11
C SER A 846 -15.84 -0.50 4.59
N ASN A 847 -16.99 -0.49 3.94
CA ASN A 847 -18.15 -1.29 4.32
C ASN A 847 -18.44 -2.34 3.24
N SER A 848 -19.39 -3.22 3.55
CA SER A 848 -19.76 -4.30 2.65
C SER A 848 -21.15 -4.09 2.07
#